data_5Y20
# 
_entry.id   5Y20 
# 
_audit_conform.dict_name       mmcif_pdbx.dic 
_audit_conform.dict_version    5.380 
_audit_conform.dict_location   http://mmcif.pdb.org/dictionaries/ascii/mmcif_pdbx.dic 
# 
loop_
_database_2.database_id 
_database_2.database_code 
_database_2.pdbx_database_accession 
_database_2.pdbx_DOI 
PDB   5Y20         pdb_00005y20 10.2210/pdb5y20/pdb 
WWPDB D_1300004543 ?            ?                   
# 
_pdbx_database_status.status_code                     REL 
_pdbx_database_status.status_code_sf                  REL 
_pdbx_database_status.status_code_mr                  ? 
_pdbx_database_status.entry_id                        5Y20 
_pdbx_database_status.recvd_initial_deposition_date   2017-07-22 
_pdbx_database_status.SG_entry                        N 
_pdbx_database_status.deposit_site                    PDBJ 
_pdbx_database_status.process_site                    PDBJ 
_pdbx_database_status.status_code_cs                  ? 
_pdbx_database_status.methods_development_category    ? 
_pdbx_database_status.pdb_format_compatible           Y 
_pdbx_database_status.status_code_nmr_data            ? 
# 
loop_
_audit_author.name 
_audit_author.pdbx_ordinal 
_audit_author.identifier_ORCID 
'Zhao, S.'  1 ? 
'Zhang, B.' 2 ? 
'Li, H.'    3 ? 
# 
_citation.abstract                  ? 
_citation.abstract_id_CAS           ? 
_citation.book_id_ISBN              ? 
_citation.book_publisher            ? 
_citation.book_publisher_city       ? 
_citation.book_title                ? 
_citation.coordinate_linkage        ? 
_citation.country                   US 
_citation.database_id_Medline       ? 
_citation.details                   ? 
_citation.id                        primary 
_citation.journal_abbrev            'Cell Rep' 
_citation.journal_id_ASTM           ? 
_citation.journal_id_CSD            ? 
_citation.journal_id_ISSN           2211-1247 
_citation.journal_full              ? 
_citation.journal_issue             ? 
_citation.journal_volume            22 
_citation.language                  ? 
_citation.page_first                1090 
_citation.page_last                 1102 
_citation.title                     'Systematic Profiling of Histone Readers in Arabidopsis thaliana.' 
_citation.year                      2018 
_citation.database_id_CSD           ? 
_citation.pdbx_database_id_DOI      10.1016/j.celrep.2017.12.099 
_citation.pdbx_database_id_PubMed   29386129 
_citation.unpublished_flag          ? 
# 
loop_
_citation_author.citation_id 
_citation_author.name 
_citation_author.ordinal 
_citation_author.identifier_ORCID 
primary 'Zhao, S.'  1 ? 
primary 'Zhang, B.' 2 ? 
primary 'Yang, M.'  3 ? 
primary 'Zhu, J.'   4 ? 
primary 'Li, H.'    5 ? 
# 
_cell.angle_alpha                  90.000 
_cell.angle_alpha_esd              ? 
_cell.angle_beta                   90.000 
_cell.angle_beta_esd               ? 
_cell.angle_gamma                  90.000 
_cell.angle_gamma_esd              ? 
_cell.entry_id                     5Y20 
_cell.details                      ? 
_cell.formula_units_Z              ? 
_cell.length_a                     46.168 
_cell.length_a_esd                 ? 
_cell.length_b                     46.168 
_cell.length_b_esd                 ? 
_cell.length_c                     70.164 
_cell.length_c_esd                 ? 
_cell.volume                       ? 
_cell.volume_esd                   ? 
_cell.Z_PDB                        8 
_cell.reciprocal_angle_alpha       ? 
_cell.reciprocal_angle_beta        ? 
_cell.reciprocal_angle_gamma       ? 
_cell.reciprocal_angle_alpha_esd   ? 
_cell.reciprocal_angle_beta_esd    ? 
_cell.reciprocal_angle_gamma_esd   ? 
_cell.reciprocal_length_a          ? 
_cell.reciprocal_length_b          ? 
_cell.reciprocal_length_c          ? 
_cell.reciprocal_length_a_esd      ? 
_cell.reciprocal_length_b_esd      ? 
_cell.reciprocal_length_c_esd      ? 
_cell.pdbx_unique_axis             ? 
# 
_symmetry.entry_id                         5Y20 
_symmetry.cell_setting                     ? 
_symmetry.Int_Tables_number                92 
_symmetry.space_group_name_Hall            ? 
_symmetry.space_group_name_H-M             'P 41 21 2' 
_symmetry.pdbx_full_space_group_name_H-M   ? 
# 
loop_
_entity.id 
_entity.type 
_entity.src_method 
_entity.pdbx_description 
_entity.formula_weight 
_entity.pdbx_number_of_molecules 
_entity.pdbx_ec 
_entity.pdbx_mutation 
_entity.pdbx_fragment 
_entity.details 
1 polymer     man 'PHD finger protein ALFIN-LIKE 1' 5866.727 1  ? ? 'PHD finger, UNP residues 185-236' ?                   
2 polymer     syn 'PEPTIDE FROM HISTONE H3'         818.961  1  ? ? 'H3 peptide 1-15'                  'K4 trimethylation' 
3 non-polymer syn 'ZINC ION'                        65.409   2  ? ? ?                                  ?                   
4 water       nat water                             18.015   28 ? ? ?                                  ?                   
# 
_entity_name_com.entity_id   1 
_entity_name_com.name        'Protein AL1' 
# 
loop_
_entity_poly.entity_id 
_entity_poly.type 
_entity_poly.nstd_linkage 
_entity_poly.nstd_monomer 
_entity_poly.pdbx_seq_one_letter_code 
_entity_poly.pdbx_seq_one_letter_code_can 
_entity_poly.pdbx_strand_id 
_entity_poly.pdbx_target_identifier 
1 'polypeptide(L)' no no  DTLCGSCGGNYTNDEFWICCDVCERWYHGKCVKITPAKAESIKQYKCPSCCT 
DTLCGSCGGNYTNDEFWICCDVCERWYHGKCVKITPAKAESIKQYKCPSCCT A ? 
2 'polypeptide(L)' no yes 'ART(M3L)QTA'                                        ARTKQTA P ? 
# 
loop_
_entity_poly_seq.entity_id 
_entity_poly_seq.num 
_entity_poly_seq.mon_id 
_entity_poly_seq.hetero 
1 1  ASP n 
1 2  THR n 
1 3  LEU n 
1 4  CYS n 
1 5  GLY n 
1 6  SER n 
1 7  CYS n 
1 8  GLY n 
1 9  GLY n 
1 10 ASN n 
1 11 TYR n 
1 12 THR n 
1 13 ASN n 
1 14 ASP n 
1 15 GLU n 
1 16 PHE n 
1 17 TRP n 
1 18 ILE n 
1 19 CYS n 
1 20 CYS n 
1 21 ASP n 
1 22 VAL n 
1 23 CYS n 
1 24 GLU n 
1 25 ARG n 
1 26 TRP n 
1 27 TYR n 
1 28 HIS n 
1 29 GLY n 
1 30 LYS n 
1 31 CYS n 
1 32 VAL n 
1 33 LYS n 
1 34 ILE n 
1 35 THR n 
1 36 PRO n 
1 37 ALA n 
1 38 LYS n 
1 39 ALA n 
1 40 GLU n 
1 41 SER n 
1 42 ILE n 
1 43 LYS n 
1 44 GLN n 
1 45 TYR n 
1 46 LYS n 
1 47 CYS n 
1 48 PRO n 
1 49 SER n 
1 50 CYS n 
1 51 CYS n 
1 52 THR n 
2 1  ALA n 
2 2  ARG n 
2 3  THR n 
2 4  M3L n 
2 5  GLN n 
2 6  THR n 
2 7  ALA n 
# 
_entity_src_gen.entity_id                          1 
_entity_src_gen.pdbx_src_id                        1 
_entity_src_gen.pdbx_alt_source_flag               sample 
_entity_src_gen.pdbx_seq_type                      'Biological sequence' 
_entity_src_gen.pdbx_beg_seq_num                   1 
_entity_src_gen.pdbx_end_seq_num                   52 
_entity_src_gen.gene_src_common_name               'Mouse-ear cress' 
_entity_src_gen.gene_src_genus                     ? 
_entity_src_gen.pdbx_gene_src_gene                 'AL1, At5g05610, MOP10.15' 
_entity_src_gen.gene_src_species                   ? 
_entity_src_gen.gene_src_strain                    ? 
_entity_src_gen.gene_src_tissue                    ? 
_entity_src_gen.gene_src_tissue_fraction           ? 
_entity_src_gen.gene_src_details                   ? 
_entity_src_gen.pdbx_gene_src_fragment             ? 
_entity_src_gen.pdbx_gene_src_scientific_name      'Arabidopsis thaliana' 
_entity_src_gen.pdbx_gene_src_ncbi_taxonomy_id     3702 
_entity_src_gen.pdbx_gene_src_variant              ? 
_entity_src_gen.pdbx_gene_src_cell_line            ? 
_entity_src_gen.pdbx_gene_src_atcc                 ? 
_entity_src_gen.pdbx_gene_src_organ                ? 
_entity_src_gen.pdbx_gene_src_organelle            ? 
_entity_src_gen.pdbx_gene_src_cell                 ? 
_entity_src_gen.pdbx_gene_src_cellular_location    ? 
_entity_src_gen.host_org_common_name               ? 
_entity_src_gen.pdbx_host_org_scientific_name      'Escherichia coli BL21(DE3)' 
_entity_src_gen.pdbx_host_org_ncbi_taxonomy_id     469008 
_entity_src_gen.host_org_genus                     ? 
_entity_src_gen.pdbx_host_org_gene                 ? 
_entity_src_gen.pdbx_host_org_organ                ? 
_entity_src_gen.host_org_species                   ? 
_entity_src_gen.pdbx_host_org_tissue               ? 
_entity_src_gen.pdbx_host_org_tissue_fraction      ? 
_entity_src_gen.pdbx_host_org_strain               'BL21(DE3)' 
_entity_src_gen.pdbx_host_org_variant              ? 
_entity_src_gen.pdbx_host_org_cell_line            ? 
_entity_src_gen.pdbx_host_org_atcc                 ? 
_entity_src_gen.pdbx_host_org_culture_collection   ? 
_entity_src_gen.pdbx_host_org_cell                 ? 
_entity_src_gen.pdbx_host_org_organelle            ? 
_entity_src_gen.pdbx_host_org_cellular_location    ? 
_entity_src_gen.pdbx_host_org_vector_type          plasmid 
_entity_src_gen.pdbx_host_org_vector               ? 
_entity_src_gen.host_org_details                   ? 
_entity_src_gen.expression_system_id               ? 
_entity_src_gen.plasmid_name                       pGEX6p 
_entity_src_gen.plasmid_details                    ? 
_entity_src_gen.pdbx_description                   ? 
# 
_pdbx_entity_src_syn.entity_id              2 
_pdbx_entity_src_syn.pdbx_src_id            1 
_pdbx_entity_src_syn.pdbx_alt_source_flag   sample 
_pdbx_entity_src_syn.pdbx_beg_seq_num       1 
_pdbx_entity_src_syn.pdbx_end_seq_num       7 
_pdbx_entity_src_syn.organism_scientific    'Homo sapiens' 
_pdbx_entity_src_syn.organism_common_name   HUMAN 
_pdbx_entity_src_syn.ncbi_taxonomy_id       9606 
_pdbx_entity_src_syn.details                'chemically synthesized H3K4ac peptide' 
# 
loop_
_struct_ref.id 
_struct_ref.db_name 
_struct_ref.db_code 
_struct_ref.pdbx_db_accession 
_struct_ref.pdbx_db_isoform 
_struct_ref.entity_id 
_struct_ref.pdbx_seq_one_letter_code 
_struct_ref.pdbx_align_begin 
1 UNP ALFL1_ARATH Q9FFF5 ? 1 DTLCGSCGGNYTNDEFWICCDVCERWYHGKCVKITPAKAESIKQYKCPSCCT 185 
2 PDB 5Y20        5Y20   ? 2 ?                                                    1   
# 
loop_
_struct_ref_seq.align_id 
_struct_ref_seq.ref_id 
_struct_ref_seq.pdbx_PDB_id_code 
_struct_ref_seq.pdbx_strand_id 
_struct_ref_seq.seq_align_beg 
_struct_ref_seq.pdbx_seq_align_beg_ins_code 
_struct_ref_seq.seq_align_end 
_struct_ref_seq.pdbx_seq_align_end_ins_code 
_struct_ref_seq.pdbx_db_accession 
_struct_ref_seq.db_align_beg 
_struct_ref_seq.pdbx_db_align_beg_ins_code 
_struct_ref_seq.db_align_end 
_struct_ref_seq.pdbx_db_align_end_ins_code 
_struct_ref_seq.pdbx_auth_seq_align_beg 
_struct_ref_seq.pdbx_auth_seq_align_end 
1 1 5Y20 A 1 ? 52 ? Q9FFF5 185 ? 236 ? 4 55 
2 2 5Y20 P 1 ? 7  ? 5Y20   1   ? 7   ? 1 7  
# 
loop_
_chem_comp.id 
_chem_comp.type 
_chem_comp.mon_nstd_flag 
_chem_comp.name 
_chem_comp.pdbx_synonyms 
_chem_comp.formula 
_chem_comp.formula_weight 
ALA 'L-peptide linking' y ALANINE           ? 'C3 H7 N O2'     89.093  
ARG 'L-peptide linking' y ARGININE          ? 'C6 H15 N4 O2 1' 175.209 
ASN 'L-peptide linking' y ASPARAGINE        ? 'C4 H8 N2 O3'    132.118 
ASP 'L-peptide linking' y 'ASPARTIC ACID'   ? 'C4 H7 N O4'     133.103 
CYS 'L-peptide linking' y CYSTEINE          ? 'C3 H7 N O2 S'   121.158 
GLN 'L-peptide linking' y GLUTAMINE         ? 'C5 H10 N2 O3'   146.144 
GLU 'L-peptide linking' y 'GLUTAMIC ACID'   ? 'C5 H9 N O4'     147.129 
GLY 'peptide linking'   y GLYCINE           ? 'C2 H5 N O2'     75.067  
HIS 'L-peptide linking' y HISTIDINE         ? 'C6 H10 N3 O2 1' 156.162 
HOH non-polymer         . WATER             ? 'H2 O'           18.015  
ILE 'L-peptide linking' y ISOLEUCINE        ? 'C6 H13 N O2'    131.173 
LEU 'L-peptide linking' y LEUCINE           ? 'C6 H13 N O2'    131.173 
LYS 'L-peptide linking' y LYSINE            ? 'C6 H15 N2 O2 1' 147.195 
M3L 'L-peptide linking' n N-TRIMETHYLLYSINE ? 'C9 H21 N2 O2 1' 189.275 
PHE 'L-peptide linking' y PHENYLALANINE     ? 'C9 H11 N O2'    165.189 
PRO 'L-peptide linking' y PROLINE           ? 'C5 H9 N O2'     115.130 
SER 'L-peptide linking' y SERINE            ? 'C3 H7 N O3'     105.093 
THR 'L-peptide linking' y THREONINE         ? 'C4 H9 N O3'     119.119 
TRP 'L-peptide linking' y TRYPTOPHAN        ? 'C11 H12 N2 O2'  204.225 
TYR 'L-peptide linking' y TYROSINE          ? 'C9 H11 N O3'    181.189 
VAL 'L-peptide linking' y VALINE            ? 'C5 H11 N O2'    117.146 
ZN  non-polymer         . 'ZINC ION'        ? 'Zn 2'           65.409  
# 
_exptl.absorpt_coefficient_mu     ? 
_exptl.absorpt_correction_T_max   ? 
_exptl.absorpt_correction_T_min   ? 
_exptl.absorpt_correction_type    ? 
_exptl.absorpt_process_details    ? 
_exptl.entry_id                   5Y20 
_exptl.crystals_number            1 
_exptl.details                    ? 
_exptl.method                     'X-RAY DIFFRACTION' 
_exptl.method_details             ? 
# 
_exptl_crystal.colour                      ? 
_exptl_crystal.density_diffrn              ? 
_exptl_crystal.density_Matthews            2.80 
_exptl_crystal.density_method              ? 
_exptl_crystal.density_percent_sol         56.01 
_exptl_crystal.description                 ? 
_exptl_crystal.F_000                       ? 
_exptl_crystal.id                          1 
_exptl_crystal.preparation                 ? 
_exptl_crystal.size_max                    ? 
_exptl_crystal.size_mid                    ? 
_exptl_crystal.size_min                    ? 
_exptl_crystal.size_rad                    ? 
_exptl_crystal.colour_lustre               ? 
_exptl_crystal.colour_modifier             ? 
_exptl_crystal.colour_primary              ? 
_exptl_crystal.density_meas                ? 
_exptl_crystal.density_meas_esd            ? 
_exptl_crystal.density_meas_gt             ? 
_exptl_crystal.density_meas_lt             ? 
_exptl_crystal.density_meas_temp           ? 
_exptl_crystal.density_meas_temp_esd       ? 
_exptl_crystal.density_meas_temp_gt        ? 
_exptl_crystal.density_meas_temp_lt        ? 
_exptl_crystal.pdbx_crystal_image_url      ? 
_exptl_crystal.pdbx_crystal_image_format   ? 
_exptl_crystal.pdbx_mosaicity              ? 
_exptl_crystal.pdbx_mosaicity_esd          ? 
# 
_exptl_crystal_grow.apparatus       ? 
_exptl_crystal_grow.atmosphere      ? 
_exptl_crystal_grow.crystal_id      1 
_exptl_crystal_grow.details         ? 
_exptl_crystal_grow.method          'VAPOR DIFFUSION, SITTING DROP' 
_exptl_crystal_grow.method_ref      ? 
_exptl_crystal_grow.pH              8.5 
_exptl_crystal_grow.pressure        ? 
_exptl_crystal_grow.pressure_esd    ? 
_exptl_crystal_grow.seeding         ? 
_exptl_crystal_grow.seeding_ref     ? 
_exptl_crystal_grow.temp            289 
_exptl_crystal_grow.temp_details    ? 
_exptl_crystal_grow.temp_esd        ? 
_exptl_crystal_grow.time            ? 
_exptl_crystal_grow.pdbx_details    '0.1M Tris pH 8., 3.0M NaCl' 
_exptl_crystal_grow.pdbx_pH_range   ? 
# 
_diffrn.ambient_environment    ? 
_diffrn.ambient_temp           100 
_diffrn.ambient_temp_details   ? 
_diffrn.ambient_temp_esd       ? 
_diffrn.crystal_id             1 
_diffrn.crystal_support        ? 
_diffrn.crystal_treatment      ? 
_diffrn.details                ? 
_diffrn.id                     1 
_diffrn.ambient_pressure       ? 
_diffrn.ambient_pressure_esd   ? 
_diffrn.ambient_pressure_gt    ? 
_diffrn.ambient_pressure_lt    ? 
_diffrn.ambient_temp_gt        ? 
_diffrn.ambient_temp_lt        ? 
# 
_diffrn_detector.details                      mirrors 
_diffrn_detector.detector                     CCD 
_diffrn_detector.diffrn_id                    1 
_diffrn_detector.type                         'ADSC QUANTUM 315r' 
_diffrn_detector.area_resol_mean              ? 
_diffrn_detector.dtime                        ? 
_diffrn_detector.pdbx_frames_total            ? 
_diffrn_detector.pdbx_collection_time_total   ? 
_diffrn_detector.pdbx_collection_date         2016-03-18 
# 
_diffrn_radiation.collimation                      ? 
_diffrn_radiation.diffrn_id                        1 
_diffrn_radiation.filter_edge                      ? 
_diffrn_radiation.inhomogeneity                    ? 
_diffrn_radiation.monochromator                    'double crystal, Si(111)' 
_diffrn_radiation.polarisn_norm                    ? 
_diffrn_radiation.polarisn_ratio                   ? 
_diffrn_radiation.probe                            ? 
_diffrn_radiation.type                             ? 
_diffrn_radiation.xray_symbol                      ? 
_diffrn_radiation.wavelength_id                    1 
_diffrn_radiation.pdbx_monochromatic_or_laue_m_l   M 
_diffrn_radiation.pdbx_wavelength_list             ? 
_diffrn_radiation.pdbx_wavelength                  ? 
_diffrn_radiation.pdbx_diffrn_protocol             'SINGLE WAVELENGTH' 
_diffrn_radiation.pdbx_analyzer                    ? 
_diffrn_radiation.pdbx_scattering_type             x-ray 
# 
_diffrn_radiation_wavelength.id           1 
_diffrn_radiation_wavelength.wavelength   0.9792 
_diffrn_radiation_wavelength.wt           1.0 
# 
_diffrn_source.current                     ? 
_diffrn_source.details                     ? 
_diffrn_source.diffrn_id                   1 
_diffrn_source.power                       ? 
_diffrn_source.size                        ? 
_diffrn_source.source                      SYNCHROTRON 
_diffrn_source.target                      ? 
_diffrn_source.type                        'SSRF BEAMLINE BL17U1' 
_diffrn_source.voltage                     ? 
_diffrn_source.take-off_angle              ? 
_diffrn_source.pdbx_wavelength_list        0.9792 
_diffrn_source.pdbx_wavelength             ? 
_diffrn_source.pdbx_synchrotron_beamline   BL17U1 
_diffrn_source.pdbx_synchrotron_site       SSRF 
# 
_reflns.B_iso_Wilson_estimate            27.610 
_reflns.entry_id                         5Y20 
_reflns.data_reduction_details           ? 
_reflns.data_reduction_method            ? 
_reflns.d_resolution_high                2.400 
_reflns.d_resolution_low                 50.000 
_reflns.details                          ? 
_reflns.limit_h_max                      ? 
_reflns.limit_h_min                      ? 
_reflns.limit_k_max                      ? 
_reflns.limit_k_min                      ? 
_reflns.limit_l_max                      ? 
_reflns.limit_l_min                      ? 
_reflns.number_all                       ? 
_reflns.number_obs                       3265 
_reflns.observed_criterion               ? 
_reflns.observed_criterion_F_max         ? 
_reflns.observed_criterion_F_min         ? 
_reflns.observed_criterion_I_max         ? 
_reflns.observed_criterion_I_min         ? 
_reflns.observed_criterion_sigma_F       ? 
_reflns.observed_criterion_sigma_I       ? 
_reflns.percent_possible_obs             100.000 
_reflns.R_free_details                   ? 
_reflns.Rmerge_F_all                     ? 
_reflns.Rmerge_F_obs                     ? 
_reflns.Friedel_coverage                 ? 
_reflns.number_gt                        ? 
_reflns.threshold_expression             ? 
_reflns.pdbx_redundancy                  26.500 
_reflns.pdbx_Rmerge_I_obs                0.221 
_reflns.pdbx_Rmerge_I_all                ? 
_reflns.pdbx_Rsym_value                  ? 
_reflns.pdbx_netI_over_av_sigmaI         ? 
_reflns.pdbx_netI_over_sigmaI            3.800 
_reflns.pdbx_res_netI_over_av_sigmaI_2   ? 
_reflns.pdbx_res_netI_over_sigmaI_2      ? 
_reflns.pdbx_chi_squared                 1.161 
_reflns.pdbx_scaling_rejects             ? 
_reflns.pdbx_d_res_high_opt              ? 
_reflns.pdbx_d_res_low_opt               ? 
_reflns.pdbx_d_res_opt_method            ? 
_reflns.phase_calculation_details        ? 
_reflns.pdbx_Rrim_I_all                  0.225 
_reflns.pdbx_Rpim_I_all                  0.043 
_reflns.pdbx_d_opt                       ? 
_reflns.pdbx_number_measured_all         ? 
_reflns.pdbx_diffrn_id                   1 
_reflns.pdbx_ordinal                     1 
_reflns.pdbx_CC_half                     ? 
_reflns.pdbx_R_split                     ? 
# 
loop_
_reflns_shell.d_res_high 
_reflns_shell.d_res_low 
_reflns_shell.meanI_over_sigI_all 
_reflns_shell.meanI_over_sigI_obs 
_reflns_shell.number_measured_all 
_reflns_shell.number_measured_obs 
_reflns_shell.number_possible 
_reflns_shell.number_unique_all 
_reflns_shell.number_unique_obs 
_reflns_shell.percent_possible_all 
_reflns_shell.percent_possible_obs 
_reflns_shell.Rmerge_F_all 
_reflns_shell.Rmerge_F_obs 
_reflns_shell.Rmerge_I_all 
_reflns_shell.Rmerge_I_obs 
_reflns_shell.meanI_over_sigI_gt 
_reflns_shell.meanI_over_uI_all 
_reflns_shell.meanI_over_uI_gt 
_reflns_shell.number_measured_gt 
_reflns_shell.number_unique_gt 
_reflns_shell.percent_possible_gt 
_reflns_shell.Rmerge_F_gt 
_reflns_shell.Rmerge_I_gt 
_reflns_shell.pdbx_redundancy 
_reflns_shell.pdbx_Rsym_value 
_reflns_shell.pdbx_chi_squared 
_reflns_shell.pdbx_netI_over_sigmaI_all 
_reflns_shell.pdbx_netI_over_sigmaI_obs 
_reflns_shell.pdbx_Rrim_I_all 
_reflns_shell.pdbx_Rpim_I_all 
_reflns_shell.pdbx_rejects 
_reflns_shell.pdbx_ordinal 
_reflns_shell.pdbx_diffrn_id 
_reflns_shell.pdbx_CC_half 
_reflns_shell.pdbx_R_split 
2.400 2.440  ? ? ? ? ? ? ? 100.000 ? ? ? ? 0.844 ? ? ? ? ? ? ? ? 27.700 ? 0.769 ? ? 0.859 0.162 ? 1  1 0.987 ? 
2.440 2.490  ? ? ? ? ? ? ? 100.000 ? ? ? ? 0.852 ? ? ? ? ? ? ? ? 28.100 ? 0.766 ? ? 0.868 0.163 ? 2  1 0.965 ? 
2.490 2.530  ? ? ? ? ? ? ? 100.000 ? ? ? ? 0.751 ? ? ? ? ? ? ? ? 27.400 ? 0.804 ? ? 0.765 0.145 ? 3  1 0.953 ? 
2.530 2.590  ? ? ? ? ? ? ? 100.000 ? ? ? ? 0.706 ? ? ? ? ? ? ? ? 27.500 ? 0.825 ? ? 0.719 0.136 ? 4  1 0.976 ? 
2.590 2.640  ? ? ? ? ? ? ? 100.000 ? ? ? ? 0.624 ? ? ? ? ? ? ? ? 28.200 ? 0.842 ? ? 0.635 0.119 ? 5  1 0.954 ? 
2.640 2.700  ? ? ? ? ? ? ? 100.000 ? ? ? ? 0.534 ? ? ? ? ? ? ? ? 27.200 ? 0.863 ? ? 0.544 0.103 ? 6  1 0.985 ? 
2.700 2.770  ? ? ? ? ? ? ? 100.000 ? ? ? ? 0.591 ? ? ? ? ? ? ? ? 27.800 ? 0.827 ? ? 0.602 0.114 ? 7  1 0.977 ? 
2.770 2.850  ? ? ? ? ? ? ? 100.000 ? ? ? ? 0.516 ? ? ? ? ? ? ? ? 27.800 ? 0.901 ? ? 0.525 0.099 ? 8  1 0.980 ? 
2.850 2.930  ? ? ? ? ? ? ? 100.000 ? ? ? ? 0.377 ? ? ? ? ? ? ? ? 27.000 ? 1.004 ? ? 0.384 0.073 ? 9  1 0.996 ? 
2.930 3.020  ? ? ? ? ? ? ? 100.000 ? ? ? ? 0.330 ? ? ? ? ? ? ? ? 27.500 ? 0.996 ? ? 0.336 0.063 ? 10 1 0.991 ? 
3.020 3.130  ? ? ? ? ? ? ? 100.000 ? ? ? ? 0.310 ? ? ? ? ? ? ? ? 26.900 ? 1.004 ? ? 0.316 0.061 ? 11 1 0.994 ? 
3.130 3.260  ? ? ? ? ? ? ? 100.000 ? ? ? ? 0.243 ? ? ? ? ? ? ? ? 27.100 ? 1.140 ? ? 0.247 0.047 ? 12 1 0.994 ? 
3.260 3.410  ? ? ? ? ? ? ? 100.000 ? ? ? ? 0.225 ? ? ? ? ? ? ? ? 27.000 ? 1.185 ? ? 0.229 0.044 ? 13 1 0.991 ? 
3.410 3.580  ? ? ? ? ? ? ? 100.000 ? ? ? ? 0.180 ? ? ? ? ? ? ? ? 26.700 ? 1.408 ? ? 0.183 0.035 ? 14 1 0.997 ? 
3.580 3.810  ? ? ? ? ? ? ? 100.000 ? ? ? ? 0.162 ? ? ? ? ? ? ? ? 26.500 ? 1.551 ? ? 0.165 0.032 ? 15 1 0.996 ? 
3.810 4.100  ? ? ? ? ? ? ? 100.000 ? ? ? ? 0.129 ? ? ? ? ? ? ? ? 25.800 ? 1.749 ? ? 0.131 0.026 ? 16 1 0.998 ? 
4.100 4.520  ? ? ? ? ? ? ? 100.000 ? ? ? ? 0.127 ? ? ? ? ? ? ? ? 25.700 ? 1.839 ? ? 0.129 0.025 ? 17 1 0.997 ? 
4.520 5.170  ? ? ? ? ? ? ? 100.000 ? ? ? ? 0.110 ? ? ? ? ? ? ? ? 24.700 ? 1.552 ? ? 0.112 0.022 ? 18 1 0.998 ? 
5.170 6.510  ? ? ? ? ? ? ? 100.000 ? ? ? ? 0.110 ? ? ? ? ? ? ? ? 23.700 ? 1.274 ? ? 0.112 0.023 ? 19 1 0.992 ? 
6.510 50.000 ? ? ? ? ? ? ? 100.000 ? ? ? ? 0.087 ? ? ? ? ? ? ? ? 21.400 ? 1.950 ? ? 0.089 0.018 ? 20 1 0.999 ? 
# 
_refine.aniso_B[1][1]                            ? 
_refine.aniso_B[1][2]                            ? 
_refine.aniso_B[1][3]                            ? 
_refine.aniso_B[2][2]                            ? 
_refine.aniso_B[2][3]                            ? 
_refine.aniso_B[3][3]                            ? 
_refine.B_iso_max                                65.140 
_refine.B_iso_mean                               29.9686 
_refine.B_iso_min                                19.290 
_refine.correlation_coeff_Fo_to_Fc               ? 
_refine.correlation_coeff_Fo_to_Fc_free          ? 
_refine.details                                  ? 
_refine.diff_density_max                         ? 
_refine.diff_density_max_esd                     ? 
_refine.diff_density_min                         ? 
_refine.diff_density_min_esd                     ? 
_refine.diff_density_rms                         ? 
_refine.diff_density_rms_esd                     ? 
_refine.entry_id                                 5Y20 
_refine.pdbx_refine_id                           'X-RAY DIFFRACTION' 
_refine.ls_abs_structure_details                 ? 
_refine.ls_abs_structure_Flack                   ? 
_refine.ls_abs_structure_Flack_esd               ? 
_refine.ls_abs_structure_Rogers                  ? 
_refine.ls_abs_structure_Rogers_esd              ? 
_refine.ls_d_res_high                            2.4090 
_refine.ls_d_res_low                             38.5680 
_refine.ls_extinction_coef                       ? 
_refine.ls_extinction_coef_esd                   ? 
_refine.ls_extinction_expression                 ? 
_refine.ls_extinction_method                     ? 
_refine.ls_goodness_of_fit_all                   ? 
_refine.ls_goodness_of_fit_all_esd               ? 
_refine.ls_goodness_of_fit_obs                   ? 
_refine.ls_goodness_of_fit_obs_esd               ? 
_refine.ls_hydrogen_treatment                    ? 
_refine.ls_matrix_type                           ? 
_refine.ls_number_constraints                    ? 
_refine.ls_number_parameters                     ? 
_refine.ls_number_reflns_all                     ? 
_refine.ls_number_reflns_obs                     3233 
_refine.ls_number_reflns_R_free                  448 
_refine.ls_number_reflns_R_work                  ? 
_refine.ls_number_restraints                     ? 
_refine.ls_percent_reflns_obs                    99.9700 
_refine.ls_percent_reflns_R_free                 13.8600 
_refine.ls_R_factor_all                          ? 
_refine.ls_R_factor_obs                          0.1685 
_refine.ls_R_factor_R_free                       0.2151 
_refine.ls_R_factor_R_free_error                 ? 
_refine.ls_R_factor_R_free_error_details         ? 
_refine.ls_R_factor_R_work                       0.1611 
_refine.ls_R_Fsqd_factor_obs                     ? 
_refine.ls_R_I_factor_obs                        ? 
_refine.ls_redundancy_reflns_all                 ? 
_refine.ls_redundancy_reflns_obs                 ? 
_refine.ls_restrained_S_all                      ? 
_refine.ls_restrained_S_obs                      ? 
_refine.ls_shift_over_esd_max                    ? 
_refine.ls_shift_over_esd_mean                   ? 
_refine.ls_structure_factor_coef                 ? 
_refine.ls_weighting_details                     ? 
_refine.ls_weighting_scheme                      ? 
_refine.ls_wR_factor_all                         ? 
_refine.ls_wR_factor_obs                         ? 
_refine.ls_wR_factor_R_free                      ? 
_refine.ls_wR_factor_R_work                      ? 
_refine.occupancy_max                            ? 
_refine.occupancy_min                            ? 
_refine.solvent_model_details                    ? 
_refine.solvent_model_param_bsol                 ? 
_refine.solvent_model_param_ksol                 ? 
_refine.ls_R_factor_gt                           ? 
_refine.ls_goodness_of_fit_gt                    ? 
_refine.ls_goodness_of_fit_ref                   ? 
_refine.ls_shift_over_su_max                     ? 
_refine.ls_shift_over_su_max_lt                  ? 
_refine.ls_shift_over_su_mean                    ? 
_refine.ls_shift_over_su_mean_lt                 ? 
_refine.pdbx_ls_sigma_I                          ? 
_refine.pdbx_ls_sigma_F                          1.380 
_refine.pdbx_ls_sigma_Fsqd                       ? 
_refine.pdbx_data_cutoff_high_absF               ? 
_refine.pdbx_data_cutoff_high_rms_absF           ? 
_refine.pdbx_data_cutoff_low_absF                ? 
_refine.pdbx_isotropic_thermal_model             ? 
_refine.pdbx_ls_cross_valid_method               'FREE R-VALUE' 
_refine.pdbx_method_to_determine_struct          'MOLECULAR REPLACEMENT' 
_refine.pdbx_starting_model                      2FSA 
_refine.pdbx_stereochemistry_target_values       ? 
_refine.pdbx_R_Free_selection_details            ? 
_refine.pdbx_stereochem_target_val_spec_case     ? 
_refine.pdbx_overall_ESU_R                       ? 
_refine.pdbx_overall_ESU_R_Free                  ? 
_refine.pdbx_solvent_vdw_probe_radii             1.1100 
_refine.pdbx_solvent_ion_probe_radii             ? 
_refine.pdbx_solvent_shrinkage_radii             0.9000 
_refine.pdbx_real_space_R                        ? 
_refine.pdbx_density_correlation                 ? 
_refine.pdbx_pd_number_of_powder_patterns        ? 
_refine.pdbx_pd_number_of_points                 ? 
_refine.pdbx_pd_meas_number_of_points            ? 
_refine.pdbx_pd_proc_ls_prof_R_factor            ? 
_refine.pdbx_pd_proc_ls_prof_wR_factor           ? 
_refine.pdbx_pd_Marquardt_correlation_coeff      ? 
_refine.pdbx_pd_Fsqrd_R_factor                   ? 
_refine.pdbx_pd_ls_matrix_band_width             ? 
_refine.pdbx_overall_phase_error                 19.0800 
_refine.pdbx_overall_SU_R_free_Cruickshank_DPI   ? 
_refine.pdbx_overall_SU_R_free_Blow_DPI          ? 
_refine.pdbx_overall_SU_R_Blow_DPI               ? 
_refine.pdbx_TLS_residual_ADP_flag               ? 
_refine.pdbx_diffrn_id                           1 
_refine.overall_SU_B                             ? 
_refine.overall_SU_ML                            0.2100 
_refine.overall_SU_R_Cruickshank_DPI             ? 
_refine.overall_SU_R_free                        ? 
_refine.overall_FOM_free_R_set                   ? 
_refine.overall_FOM_work_R_set                   ? 
_refine.pdbx_average_fsc_overall                 ? 
_refine.pdbx_average_fsc_work                    ? 
_refine.pdbx_average_fsc_free                    ? 
# 
_refine_hist.cycle_id                         final 
_refine_hist.pdbx_refine_id                   'X-RAY DIFFRACTION' 
_refine_hist.d_res_high                       2.4090 
_refine_hist.d_res_low                        38.5680 
_refine_hist.pdbx_number_atoms_ligand         2 
_refine_hist.number_atoms_solvent             28 
_refine_hist.number_atoms_total               489 
_refine_hist.pdbx_number_residues_total       59 
_refine_hist.pdbx_B_iso_mean_ligand           25.98 
_refine_hist.pdbx_B_iso_mean_solvent          31.72 
_refine_hist.pdbx_number_atoms_protein        459 
_refine_hist.pdbx_number_atoms_nucleic_acid   0 
# 
loop_
_refine_ls_restr.pdbx_refine_id 
_refine_ls_restr.criterion 
_refine_ls_restr.dev_ideal 
_refine_ls_restr.dev_ideal_target 
_refine_ls_restr.number 
_refine_ls_restr.rejects 
_refine_ls_restr.type 
_refine_ls_restr.weight 
_refine_ls_restr.pdbx_restraint_function 
'X-RAY DIFFRACTION' ? 0.007  ? 468 ? f_bond_d           ? ? 
'X-RAY DIFFRACTION' ? 1.002  ? 632 ? f_angle_d          ? ? 
'X-RAY DIFFRACTION' ? 0.041  ? 67  ? f_chiral_restr     ? ? 
'X-RAY DIFFRACTION' ? 0.005  ? 78  ? f_plane_restr      ? ? 
'X-RAY DIFFRACTION' ? 14.481 ? 167 ? f_dihedral_angle_d ? ? 
# 
loop_
_refine_ls_shell.pdbx_refine_id 
_refine_ls_shell.d_res_high 
_refine_ls_shell.d_res_low 
_refine_ls_shell.number_reflns_all 
_refine_ls_shell.number_reflns_obs 
_refine_ls_shell.number_reflns_R_free 
_refine_ls_shell.number_reflns_R_work 
_refine_ls_shell.percent_reflns_obs 
_refine_ls_shell.percent_reflns_R_free 
_refine_ls_shell.R_factor_all 
_refine_ls_shell.R_factor_obs 
_refine_ls_shell.R_factor_R_free 
_refine_ls_shell.R_factor_R_free_error 
_refine_ls_shell.R_factor_R_work 
_refine_ls_shell.redundancy_reflns_all 
_refine_ls_shell.redundancy_reflns_obs 
_refine_ls_shell.wR_factor_all 
_refine_ls_shell.wR_factor_obs 
_refine_ls_shell.wR_factor_R_free 
_refine_ls_shell.wR_factor_R_work 
_refine_ls_shell.pdbx_total_number_of_bins_used 
_refine_ls_shell.pdbx_phase_error 
_refine_ls_shell.pdbx_fsc_work 
_refine_ls_shell.pdbx_fsc_free 
'X-RAY DIFFRACTION' 2.4088 2.7573  1036 . 155 881 100.0000 . . . 0.2474 0.0000 0.1672 . . . . . . 3 . . . 
'X-RAY DIFFRACTION' 2.7573 3.4735  1057 . 137 920 100.0000 . . . 0.1915 0.0000 0.1751 . . . . . . 3 . . . 
'X-RAY DIFFRACTION' 3.4735 38.5726 1140 . 156 984 100.0000 . . . 0.2176 0.0000 0.1517 . . . . . . 3 . . . 
# 
_struct.entry_id                     5Y20 
_struct.title                        'Crystal structure of AL1 PHD finger bound to H3K4me3' 
_struct.pdbx_model_details           ? 
_struct.pdbx_formula_weight          ? 
_struct.pdbx_formula_weight_method   ? 
_struct.pdbx_model_type_details      ? 
_struct.pdbx_CASP_flag               N 
# 
_struct_keywords.entry_id        5Y20 
_struct_keywords.text            'zinc finger, TRANSCRIPTION' 
_struct_keywords.pdbx_keywords   TRANSCRIPTION 
# 
loop_
_struct_asym.id 
_struct_asym.pdbx_blank_PDB_chainid_flag 
_struct_asym.pdbx_modified 
_struct_asym.entity_id 
_struct_asym.details 
A N N 1 ? 
B N N 2 ? 
C N N 3 ? 
D N N 3 ? 
E N N 4 ? 
F N N 4 ? 
# 
loop_
_struct_conf.conf_type_id 
_struct_conf.id 
_struct_conf.pdbx_PDB_helix_id 
_struct_conf.beg_label_comp_id 
_struct_conf.beg_label_asym_id 
_struct_conf.beg_label_seq_id 
_struct_conf.pdbx_beg_PDB_ins_code 
_struct_conf.end_label_comp_id 
_struct_conf.end_label_asym_id 
_struct_conf.end_label_seq_id 
_struct_conf.pdbx_end_PDB_ins_code 
_struct_conf.beg_auth_comp_id 
_struct_conf.beg_auth_asym_id 
_struct_conf.beg_auth_seq_id 
_struct_conf.end_auth_comp_id 
_struct_conf.end_auth_asym_id 
_struct_conf.end_auth_seq_id 
_struct_conf.pdbx_PDB_helix_class 
_struct_conf.details 
_struct_conf.pdbx_PDB_helix_length 
HELX_P HELX_P1 AA1 GLY A 29 ? LYS A 33 ? GLY A 32 LYS A 36 1 ? 5 
HELX_P HELX_P2 AA2 THR A 35 ? SER A 41 ? THR A 38 SER A 44 1 ? 7 
# 
_struct_conf_type.id          HELX_P 
_struct_conf_type.criteria    ? 
_struct_conf_type.reference   ? 
# 
loop_
_struct_conn.id 
_struct_conn.conn_type_id 
_struct_conn.pdbx_leaving_atom_flag 
_struct_conn.pdbx_PDB_id 
_struct_conn.ptnr1_label_asym_id 
_struct_conn.ptnr1_label_comp_id 
_struct_conn.ptnr1_label_seq_id 
_struct_conn.ptnr1_label_atom_id 
_struct_conn.pdbx_ptnr1_label_alt_id 
_struct_conn.pdbx_ptnr1_PDB_ins_code 
_struct_conn.pdbx_ptnr1_standard_comp_id 
_struct_conn.ptnr1_symmetry 
_struct_conn.ptnr2_label_asym_id 
_struct_conn.ptnr2_label_comp_id 
_struct_conn.ptnr2_label_seq_id 
_struct_conn.ptnr2_label_atom_id 
_struct_conn.pdbx_ptnr2_label_alt_id 
_struct_conn.pdbx_ptnr2_PDB_ins_code 
_struct_conn.ptnr1_auth_asym_id 
_struct_conn.ptnr1_auth_comp_id 
_struct_conn.ptnr1_auth_seq_id 
_struct_conn.ptnr2_auth_asym_id 
_struct_conn.ptnr2_auth_comp_id 
_struct_conn.ptnr2_auth_seq_id 
_struct_conn.ptnr2_symmetry 
_struct_conn.pdbx_ptnr3_label_atom_id 
_struct_conn.pdbx_ptnr3_label_seq_id 
_struct_conn.pdbx_ptnr3_label_comp_id 
_struct_conn.pdbx_ptnr3_label_asym_id 
_struct_conn.pdbx_ptnr3_label_alt_id 
_struct_conn.pdbx_ptnr3_PDB_ins_code 
_struct_conn.details 
_struct_conn.pdbx_dist_value 
_struct_conn.pdbx_value_order 
_struct_conn.pdbx_role 
covale1 covale both ? B THR 3  C   ? ? ? 1_555 B M3L 4 N  ? ? P THR 3  P M3L 4   1_555 ? ? ? ? ? ? ? 1.325 ? ? 
covale2 covale both ? B M3L 4  C   ? ? ? 1_555 B GLN 5 N  ? ? P M3L 4  P GLN 5   1_555 ? ? ? ? ? ? ? 1.322 ? ? 
metalc1 metalc ?    ? A CYS 4  SG  ? ? ? 1_555 C ZN  . ZN ? ? A CYS 7  A ZN  101 1_555 ? ? ? ? ? ? ? 2.313 ? ? 
metalc2 metalc ?    ? A CYS 7  SG  ? ? ? 1_555 C ZN  . ZN ? ? A CYS 10 A ZN  101 1_555 ? ? ? ? ? ? ? 2.371 ? ? 
metalc3 metalc ?    ? A CYS 20 SG  ? ? ? 1_555 D ZN  . ZN ? ? A CYS 23 A ZN  102 1_555 ? ? ? ? ? ? ? 2.296 ? ? 
metalc4 metalc ?    ? A CYS 23 SG  ? ? ? 1_555 D ZN  . ZN ? ? A CYS 26 A ZN  102 1_555 ? ? ? ? ? ? ? 2.221 ? ? 
metalc5 metalc ?    ? A HIS 28 ND1 ? ? ? 1_555 C ZN  . ZN ? ? A HIS 31 A ZN  101 1_555 ? ? ? ? ? ? ? 2.142 ? ? 
metalc6 metalc ?    ? A CYS 31 SG  ? ? ? 1_555 C ZN  . ZN ? ? A CYS 34 A ZN  101 1_555 ? ? ? ? ? ? ? 2.262 ? ? 
metalc7 metalc ?    ? A CYS 47 SG  ? ? ? 1_555 D ZN  . ZN ? ? A CYS 50 A ZN  102 1_555 ? ? ? ? ? ? ? 2.343 ? ? 
metalc8 metalc ?    ? A CYS 50 SG  ? ? ? 1_555 D ZN  . ZN ? ? A CYS 53 A ZN  102 1_555 ? ? ? ? ? ? ? 2.283 ? ? 
# 
loop_
_struct_conn_type.id 
_struct_conn_type.criteria 
_struct_conn_type.reference 
covale ? ? 
metalc ? ? 
# 
_struct_sheet.id               AA1 
_struct_sheet.type             ? 
_struct_sheet.number_strands   3 
_struct_sheet.details          ? 
# 
loop_
_struct_sheet_order.sheet_id 
_struct_sheet_order.range_id_1 
_struct_sheet_order.range_id_2 
_struct_sheet_order.offset 
_struct_sheet_order.sense 
AA1 1 2 ? anti-parallel 
AA1 2 3 ? anti-parallel 
# 
loop_
_struct_sheet_range.sheet_id 
_struct_sheet_range.id 
_struct_sheet_range.beg_label_comp_id 
_struct_sheet_range.beg_label_asym_id 
_struct_sheet_range.beg_label_seq_id 
_struct_sheet_range.pdbx_beg_PDB_ins_code 
_struct_sheet_range.end_label_comp_id 
_struct_sheet_range.end_label_asym_id 
_struct_sheet_range.end_label_seq_id 
_struct_sheet_range.pdbx_end_PDB_ins_code 
_struct_sheet_range.beg_auth_comp_id 
_struct_sheet_range.beg_auth_asym_id 
_struct_sheet_range.beg_auth_seq_id 
_struct_sheet_range.end_auth_comp_id 
_struct_sheet_range.end_auth_asym_id 
_struct_sheet_range.end_auth_seq_id 
AA1 1 TRP A 26 ? HIS A 28 ? TRP A 29 HIS A 31 
AA1 2 TRP A 17 ? CYS A 19 ? TRP A 20 CYS A 22 
AA1 3 THR B 3  ? M3L B 4  ? THR P 3  M3L P 4  
# 
loop_
_pdbx_struct_sheet_hbond.sheet_id 
_pdbx_struct_sheet_hbond.range_id_1 
_pdbx_struct_sheet_hbond.range_id_2 
_pdbx_struct_sheet_hbond.range_1_label_atom_id 
_pdbx_struct_sheet_hbond.range_1_label_comp_id 
_pdbx_struct_sheet_hbond.range_1_label_asym_id 
_pdbx_struct_sheet_hbond.range_1_label_seq_id 
_pdbx_struct_sheet_hbond.range_1_PDB_ins_code 
_pdbx_struct_sheet_hbond.range_1_auth_atom_id 
_pdbx_struct_sheet_hbond.range_1_auth_comp_id 
_pdbx_struct_sheet_hbond.range_1_auth_asym_id 
_pdbx_struct_sheet_hbond.range_1_auth_seq_id 
_pdbx_struct_sheet_hbond.range_2_label_atom_id 
_pdbx_struct_sheet_hbond.range_2_label_comp_id 
_pdbx_struct_sheet_hbond.range_2_label_asym_id 
_pdbx_struct_sheet_hbond.range_2_label_seq_id 
_pdbx_struct_sheet_hbond.range_2_PDB_ins_code 
_pdbx_struct_sheet_hbond.range_2_auth_atom_id 
_pdbx_struct_sheet_hbond.range_2_auth_comp_id 
_pdbx_struct_sheet_hbond.range_2_auth_asym_id 
_pdbx_struct_sheet_hbond.range_2_auth_seq_id 
AA1 1 2 O TYR A 27 ? O TYR A 30 N ILE A 18 ? N ILE A 21 
AA1 2 3 N TRP A 17 ? N TRP A 20 O M3L B 4  ? O M3L P 4  
# 
loop_
_struct_site.id 
_struct_site.pdbx_evidence_code 
_struct_site.pdbx_auth_asym_id 
_struct_site.pdbx_auth_comp_id 
_struct_site.pdbx_auth_seq_id 
_struct_site.pdbx_auth_ins_code 
_struct_site.pdbx_num_residues 
_struct_site.details 
AC1 Software A ZN  101 ? 4  'binding site for residue ZN A 101'                                         
AC2 Software A ZN  102 ? 4  'binding site for residue ZN A 102'                                         
AC3 Software P M3L 4   ? 13 'binding site for Ligand residues M3L P 4 through GLN P 5 bound to THR P 3' 
# 
loop_
_struct_site_gen.id 
_struct_site_gen.site_id 
_struct_site_gen.pdbx_num_res 
_struct_site_gen.label_comp_id 
_struct_site_gen.label_asym_id 
_struct_site_gen.label_seq_id 
_struct_site_gen.pdbx_auth_ins_code 
_struct_site_gen.auth_comp_id 
_struct_site_gen.auth_asym_id 
_struct_site_gen.auth_seq_id 
_struct_site_gen.label_atom_id 
_struct_site_gen.label_alt_id 
_struct_site_gen.symmetry 
_struct_site_gen.details 
1  AC1 4  CYS A 4  ? CYS A 7   . ? 1_555 ? 
2  AC1 4  CYS A 7  ? CYS A 10  . ? 1_555 ? 
3  AC1 4  HIS A 28 ? HIS A 31  . ? 1_555 ? 
4  AC1 4  CYS A 31 ? CYS A 34  . ? 1_555 ? 
5  AC2 4  CYS A 20 ? CYS A 23  . ? 1_555 ? 
6  AC2 4  CYS A 23 ? CYS A 26  . ? 1_555 ? 
7  AC2 4  CYS A 47 ? CYS A 50  . ? 1_555 ? 
8  AC2 4  CYS A 50 ? CYS A 53  . ? 1_555 ? 
9  AC3 13 THR A 2  ? THR A 5   . ? 1_555 ? 
10 AC3 13 CYS A 7  ? CYS A 10  . ? 3_545 ? 
11 AC3 13 ASN A 10 ? ASN A 13  . ? 3_545 ? 
12 AC3 13 TYR A 11 ? TYR A 14  . ? 1_555 ? 
13 AC3 13 PHE A 16 ? PHE A 19  . ? 1_555 ? 
14 AC3 13 TRP A 17 ? TRP A 20  . ? 1_555 ? 
15 AC3 13 TRP A 26 ? TRP A 29  . ? 1_555 ? 
16 AC3 13 HOH E .  ? HOH A 213 . ? 1_555 ? 
17 AC3 13 THR B 3  ? THR P 3   . ? 1_555 ? 
18 AC3 13 THR B 6  ? THR P 6   . ? 1_555 ? 
19 AC3 13 ALA B 7  ? ALA P 7   . ? 1_555 ? 
20 AC3 13 HOH F .  ? HOH P 101 . ? 1_555 ? 
21 AC3 13 HOH F .  ? HOH P 104 . ? 1_555 ? 
# 
_atom_sites.entry_id                    5Y20 
_atom_sites.fract_transf_matrix[1][1]   0.01695579 
_atom_sites.fract_transf_matrix[1][2]   0.01116965 
_atom_sites.fract_transf_matrix[1][3]   -0.00754292 
_atom_sites.fract_transf_matrix[2][1]   -0.01341585 
_atom_sites.fract_transf_matrix[2][2]   0.01282415 
_atom_sites.fract_transf_matrix[2][3]   -0.01116744 
_atom_sites.fract_transf_matrix[3][1]   -0.00085073 
_atom_sites.fract_transf_matrix[3][2]   0.00882625 
_atom_sites.fract_transf_matrix[3][3]   0.01115765 
_atom_sites.fract_transf_vector[1]      0.360804 
_atom_sites.fract_transf_vector[2]      0.055767 
_atom_sites.fract_transf_vector[3]      0.087739 
# 
loop_
_atom_type.symbol 
C  
N  
O  
S  
ZN 
# 
loop_
_atom_site.group_PDB 
_atom_site.id 
_atom_site.type_symbol 
_atom_site.label_atom_id 
_atom_site.label_alt_id 
_atom_site.label_comp_id 
_atom_site.label_asym_id 
_atom_site.label_entity_id 
_atom_site.label_seq_id 
_atom_site.pdbx_PDB_ins_code 
_atom_site.Cartn_x 
_atom_site.Cartn_y 
_atom_site.Cartn_z 
_atom_site.occupancy 
_atom_site.B_iso_or_equiv 
_atom_site.pdbx_formal_charge 
_atom_site.auth_seq_id 
_atom_site.auth_comp_id 
_atom_site.auth_asym_id 
_atom_site.auth_atom_id 
_atom_site.pdbx_PDB_model_num 
ATOM   1   N  N   . ASP A 1 1  ? 15.841  -3.336  -2.402  1.00 55.46 ?  4   ASP A N   1 
ATOM   2   C  CA  . ASP A 1 1  ? 14.801  -2.427  -1.928  1.00 60.65 ?  4   ASP A CA  1 
ATOM   3   C  C   . ASP A 1 1  ? 13.539  -3.210  -1.569  1.00 51.13 ?  4   ASP A C   1 
ATOM   4   O  O   . ASP A 1 1  ? 13.500  -4.428  -1.728  1.00 46.37 ?  4   ASP A O   1 
ATOM   5   C  CB  . ASP A 1 1  ? 14.494  -1.361  -2.989  1.00 62.87 ?  4   ASP A CB  1 
ATOM   6   C  CG  . ASP A 1 1  ? 14.229  0.016   -2.385  1.00 58.18 ?  4   ASP A CG  1 
ATOM   7   O  OD1 . ASP A 1 1  ? 13.500  0.100   -1.366  1.00 60.00 ?  4   ASP A OD1 1 
ATOM   8   O  OD2 . ASP A 1 1  ? 14.757  1.016   -2.925  1.00 58.70 ?  4   ASP A OD2 1 
ATOM   9   N  N   . THR A 1 2  ? 12.515  -2.510  -1.082  1.00 45.50 ?  5   THR A N   1 
ATOM   10  C  CA  . THR A 1 2  ? 11.247  -3.145  -0.723  1.00 39.61 ?  5   THR A CA  1 
ATOM   11  C  C   . THR A 1 2  ? 10.507  -3.596  -1.981  1.00 37.70 ?  5   THR A C   1 
ATOM   12  O  O   . THR A 1 2  ? 10.571  -2.938  -3.027  1.00 34.95 ?  5   THR A O   1 
ATOM   13  C  CB  . THR A 1 2  ? 10.343  -2.203  0.091   1.00 38.30 ?  5   THR A CB  1 
ATOM   14  O  OG1 . THR A 1 2  ? 11.143  -1.456  1.020   1.00 42.45 ?  5   THR A OG1 1 
ATOM   15  C  CG2 . THR A 1 2  ? 9.278   -2.990  0.851   1.00 30.49 ?  5   THR A CG2 1 
ATOM   16  N  N   . LEU A 1 3  ? 9.834   -4.738  -1.886  1.00 31.36 ?  6   LEU A N   1 
ATOM   17  C  CA  . LEU A 1 3  ? 9.099   -5.278  -3.018  1.00 29.54 ?  6   LEU A CA  1 
ATOM   18  C  C   . LEU A 1 3  ? 7.627   -5.353  -2.676  1.00 27.94 ?  6   LEU A C   1 
ATOM   19  O  O   . LEU A 1 3  ? 7.260   -5.667  -1.550  1.00 29.59 ?  6   LEU A O   1 
ATOM   20  C  CB  . LEU A 1 3  ? 9.610   -6.665  -3.416  1.00 23.95 ?  6   LEU A CB  1 
ATOM   21  C  CG  . LEU A 1 3  ? 10.991  -6.792  -4.049  1.00 27.41 ?  6   LEU A CG  1 
ATOM   22  C  CD1 . LEU A 1 3  ? 11.205  -8.233  -4.473  1.00 24.55 ?  6   LEU A CD1 1 
ATOM   23  C  CD2 . LEU A 1 3  ? 11.157  -5.842  -5.246  1.00 26.82 ?  6   LEU A CD2 1 
ATOM   24  N  N   . CYS A 1 4  ? 6.794   -5.057  -3.663  1.00 26.95 ?  7   CYS A N   1 
ATOM   25  C  CA  . CYS A 1 4  ? 5.363   -5.056  -3.483  1.00 21.17 ?  7   CYS A CA  1 
ATOM   26  C  C   . CYS A 1 4  ? 4.876   -6.435  -3.087  1.00 23.11 ?  7   CYS A C   1 
ATOM   27  O  O   . CYS A 1 4  ? 5.156   -7.419  -3.770  1.00 22.85 ?  7   CYS A O   1 
ATOM   28  C  CB  . CYS A 1 4  ? 4.678   -4.587  -4.765  1.00 22.79 ?  7   CYS A CB  1 
ATOM   29  S  SG  . CYS A 1 4  ? 2.885   -4.635  -4.718  1.00 23.25 ?  7   CYS A SG  1 
ATOM   30  N  N   . GLY A 1 5  ? 4.128   -6.499  -1.991  1.00 20.02 ?  8   GLY A N   1 
ATOM   31  C  CA  . GLY A 1 5  ? 3.565   -7.744  -1.528  1.00 22.57 ?  8   GLY A CA  1 
ATOM   32  C  C   . GLY A 1 5  ? 2.640   -8.388  -2.548  1.00 24.14 ?  8   GLY A C   1 
ATOM   33  O  O   . GLY A 1 5  ? 2.249   -9.537  -2.400  1.00 24.17 ?  8   GLY A O   1 
ATOM   34  N  N   . SER A 1 6  ? 2.290   -7.649  -3.591  1.00 25.65 ?  9   SER A N   1 
ATOM   35  C  CA  . SER A 1 6  ? 1.322   -8.130  -4.559  1.00 24.46 ?  9   SER A CA  1 
ATOM   36  C  C   . SER A 1 6  ? 1.972   -8.595  -5.857  1.00 27.30 ?  9   SER A C   1 
ATOM   37  O  O   . SER A 1 6  ? 1.791   -9.739  -6.274  1.00 27.11 ?  9   SER A O   1 
ATOM   38  C  CB  . SER A 1 6  ? 0.301   -7.039  -4.860  1.00 24.29 ?  9   SER A CB  1 
ATOM   39  O  OG  . SER A 1 6  ? -0.747  -7.548  -5.653  1.00 29.16 ?  9   SER A OG  1 
ATOM   40  N  N   . CYS A 1 7  ? 2.725   -7.706  -6.497  1.00 25.57 ?  10  CYS A N   1 
ATOM   41  C  CA  . CYS A 1 7  ? 3.280   -8.001  -7.818  1.00 24.02 ?  10  CYS A CA  1 
ATOM   42  C  C   . CYS A 1 7  ? 4.777   -8.277  -7.785  1.00 23.92 ?  10  CYS A C   1 
ATOM   43  O  O   . CYS A 1 7  ? 5.364   -8.651  -8.788  1.00 27.53 ?  10  CYS A O   1 
ATOM   44  C  CB  . CYS A 1 7  ? 3.008   -6.841  -8.776  1.00 21.53 ?  10  CYS A CB  1 
ATOM   45  S  SG  . CYS A 1 7  ? 3.845   -5.314  -8.311  1.00 23.49 ?  10  CYS A SG  1 
ATOM   46  N  N   . GLY A 1 8  ? 5.407   -8.078  -6.641  1.00 22.35 ?  11  GLY A N   1 
ATOM   47  C  CA  . GLY A 1 8  ? 6.844   -8.231  -6.568  1.00 22.65 ?  11  GLY A CA  1 
ATOM   48  C  C   . GLY A 1 8  ? 7.622   -7.056  -7.134  1.00 24.38 ?  11  GLY A C   1 
ATOM   49  O  O   . GLY A 1 8  ? 8.839   -7.086  -7.135  1.00 27.23 ?  11  GLY A O   1 
ATOM   50  N  N   . GLY A 1 9  ? 6.930   -6.021  -7.608  1.00 24.76 ?  12  GLY A N   1 
ATOM   51  C  CA  . GLY A 1 9  ? 7.590   -4.854  -8.174  1.00 21.62 ?  12  GLY A CA  1 
ATOM   52  C  C   . GLY A 1 9  ? 8.340   -3.990  -7.168  1.00 25.07 ?  12  GLY A C   1 
ATOM   53  O  O   . GLY A 1 9  ? 8.004   -3.976  -5.982  1.00 23.05 ?  12  GLY A O   1 
ATOM   54  N  N   . ASN A 1 10 ? 9.353   -3.269  -7.655  1.00 24.99 ?  13  ASN A N   1 
ATOM   55  C  CA  . ASN A 1 10 ? 10.235  -2.440  -6.826  1.00 22.16 ?  13  ASN A CA  1 
ATOM   56  C  C   . ASN A 1 10 ? 9.616   -1.143  -6.393  1.00 25.51 ?  13  ASN A C   1 
ATOM   57  O  O   . ASN A 1 10 ? 8.811   -0.565  -7.125  1.00 26.90 ?  13  ASN A O   1 
ATOM   58  C  CB  . ASN A 1 10 ? 11.516  -2.083  -7.573  1.00 22.15 ?  13  ASN A CB  1 
ATOM   59  C  CG  . ASN A 1 10 ? 12.185  -3.273  -8.175  1.00 21.95 ?  13  ASN A CG  1 
ATOM   60  O  OD1 . ASN A 1 10 ? 11.798  -3.744  -9.242  1.00 27.55 ?  13  ASN A OD1 1 
ATOM   61  N  ND2 . ASN A 1 10 ? 13.202  -3.773  -7.501  1.00 22.63 ?  13  ASN A ND2 1 
ATOM   62  N  N   . TYR A 1 11 ? 10.030  -0.653  -5.228  1.00 25.49 ?  14  TYR A N   1 
ATOM   63  C  CA  . TYR A 1 11 ? 9.579   0.651   -4.797  1.00 25.65 ?  14  TYR A CA  1 
ATOM   64  C  C   . TYR A 1 11 ? 10.209  1.720   -5.671  1.00 23.80 ?  14  TYR A C   1 
ATOM   65  O  O   . TYR A 1 11 ? 11.411  1.706   -5.900  1.00 23.83 ?  14  TYR A O   1 
ATOM   66  C  CB  . TYR A 1 11 ? 9.911   0.921   -3.317  1.00 29.15 ?  14  TYR A CB  1 
ATOM   67  C  CG  . TYR A 1 11 ? 9.648   2.368   -2.981  1.00 26.53 ?  14  TYR A CG  1 
ATOM   68  C  CD1 . TYR A 1 11 ? 10.689  3.263   -2.772  1.00 25.05 ?  14  TYR A CD1 1 
ATOM   69  C  CD2 . TYR A 1 11 ? 8.350   2.858   -2.964  1.00 24.72 ?  14  TYR A CD2 1 
ATOM   70  C  CE1 . TYR A 1 11 ? 10.435  4.601   -2.509  1.00 24.55 ?  14  TYR A CE1 1 
ATOM   71  C  CE2 . TYR A 1 11 ? 8.088   4.182   -2.711  1.00 23.61 ?  14  TYR A CE2 1 
ATOM   72  C  CZ  . TYR A 1 11 ? 9.127   5.054   -2.485  1.00 25.77 ?  14  TYR A CZ  1 
ATOM   73  O  OH  . TYR A 1 11 ? 8.839   6.379   -2.229  1.00 25.78 ?  14  TYR A OH  1 
ATOM   74  N  N   . THR A 1 12 ? 9.384   2.639   -6.166  1.00 24.46 ?  15  THR A N   1 
ATOM   75  C  CA  . THR A 1 12 ? 9.871   3.859   -6.807  1.00 25.61 ?  15  THR A CA  1 
ATOM   76  C  C   . THR A 1 12 ? 9.037   5.044   -6.302  1.00 28.31 ?  15  THR A C   1 
ATOM   77  O  O   . THR A 1 12 ? 7.832   4.906   -6.118  1.00 28.03 ?  15  THR A O   1 
ATOM   78  C  CB  . THR A 1 12 ? 9.796   3.787   -8.344  1.00 24.64 ?  15  THR A CB  1 
ATOM   79  O  OG1 . THR A 1 12 ? 8.447   3.501   -8.752  1.00 24.98 ?  15  THR A OG1 1 
ATOM   80  C  CG2 . THR A 1 12 ? 10.734  2.707   -8.879  1.00 24.73 ?  15  THR A CG2 1 
ATOM   81  N  N   . ASN A 1 13 ? 9.657   6.208   -6.096  1.00 26.58 ?  16  ASN A N   1 
ATOM   82  C  CA  . ASN A 1 13 ? 8.946   7.305   -5.459  1.00 29.08 ?  16  ASN A CA  1 
ATOM   83  C  C   . ASN A 1 13 ? 7.998   8.071   -6.387  1.00 31.34 ?  16  ASN A C   1 
ATOM   84  O  O   . ASN A 1 13 ? 7.472   9.127   -6.010  1.00 33.54 ?  16  ASN A O   1 
ATOM   85  C  CB  . ASN A 1 13 ? 9.932   8.277   -4.790  1.00 33.09 ?  16  ASN A CB  1 
ATOM   86  C  CG  . ASN A 1 13 ? 10.847  8.982   -5.772  1.00 33.78 ?  16  ASN A CG  1 
ATOM   87  O  OD1 . ASN A 1 13 ? 10.553  9.107   -6.951  1.00 40.11 ?  16  ASN A OD1 1 
ATOM   88  N  ND2 . ASN A 1 13 ? 11.970  9.462   -5.271  1.00 42.17 ?  16  ASN A ND2 1 
ATOM   89  N  N   . ASP A 1 14 ? 7.770   7.537   -7.584  1.00 29.68 ?  17  ASP A N   1 
ATOM   90  C  CA  . ASP A 1 14 ? 6.747   8.080   -8.472  1.00 28.31 ?  17  ASP A CA  1 
ATOM   91  C  C   . ASP A 1 14 ? 5.450   7.274   -8.357  1.00 29.73 ?  17  ASP A C   1 
ATOM   92  O  O   . ASP A 1 14 ? 4.491   7.507   -9.096  1.00 31.42 ?  17  ASP A O   1 
ATOM   93  C  CB  . ASP A 1 14 ? 7.230   8.094   -9.918  1.00 29.71 ?  17  ASP A CB  1 
ATOM   94  C  CG  . ASP A 1 14 ? 7.705   6.733   -10.386 1.00 32.07 ?  17  ASP A CG  1 
ATOM   95  O  OD1 . ASP A 1 14 ? 7.621   5.774   -9.597  1.00 29.17 ?  17  ASP A OD1 1 
ATOM   96  O  OD2 . ASP A 1 14 ? 8.167   6.619   -11.546 1.00 38.37 -1 17  ASP A OD2 1 
ATOM   97  N  N   . GLU A 1 15 ? 5.436   6.321   -7.429  1.00 25.07 ?  18  GLU A N   1 
ATOM   98  C  CA  . GLU A 1 15 ? 4.243   5.532   -7.149  1.00 24.50 ?  18  GLU A CA  1 
ATOM   99  C  C   . GLU A 1 15 ? 3.780   5.685   -5.704  1.00 27.45 ?  18  GLU A C   1 
ATOM   100 O  O   . GLU A 1 15 ? 4.595   5.774   -4.777  1.00 27.29 ?  18  GLU A O   1 
ATOM   101 C  CB  . GLU A 1 15 ? 4.491   4.055   -7.441  1.00 22.73 ?  18  GLU A CB  1 
ATOM   102 C  CG  . GLU A 1 15 ? 4.451   3.709   -8.906  1.00 24.50 ?  18  GLU A CG  1 
ATOM   103 C  CD  . GLU A 1 15 ? 3.059   3.808   -9.496  1.00 23.55 ?  18  GLU A CD  1 
ATOM   104 O  OE1 . GLU A 1 15 ? 2.063   3.864   -8.742  1.00 23.89 ?  18  GLU A OE1 1 
ATOM   105 O  OE2 . GLU A 1 15 ? 2.964   3.823   -10.731 1.00 26.75 -1 18  GLU A OE2 1 
ATOM   106 N  N   . PHE A 1 16 ? 2.464   5.702   -5.520  1.00 25.64 ?  19  PHE A N   1 
ATOM   107 C  CA  . PHE A 1 16 ? 1.881   5.705   -4.185  1.00 24.95 ?  19  PHE A CA  1 
ATOM   108 C  C   . PHE A 1 16 ? 1.876   4.289   -3.633  1.00 24.39 ?  19  PHE A C   1 
ATOM   109 O  O   . PHE A 1 16 ? 1.401   3.360   -4.281  1.00 24.59 ?  19  PHE A O   1 
ATOM   110 C  CB  . PHE A 1 16 ? 0.463   6.287   -4.209  1.00 22.58 ?  19  PHE A CB  1 
ATOM   111 C  CG  . PHE A 1 16 ? -0.316  6.070   -2.937  1.00 24.92 ?  19  PHE A CG  1 
ATOM   112 C  CD1 . PHE A 1 16 ? -0.017  6.788   -1.793  1.00 23.57 ?  19  PHE A CD1 1 
ATOM   113 C  CD2 . PHE A 1 16 ? -1.363  5.159   -2.895  1.00 23.50 ?  19  PHE A CD2 1 
ATOM   114 C  CE1 . PHE A 1 16 ? -0.739  6.590   -0.613  1.00 24.65 ?  19  PHE A CE1 1 
ATOM   115 C  CE2 . PHE A 1 16 ? -2.085  4.958   -1.729  1.00 24.06 ?  19  PHE A CE2 1 
ATOM   116 C  CZ  . PHE A 1 16 ? -1.776  5.681   -0.583  1.00 23.60 ?  19  PHE A CZ  1 
ATOM   117 N  N   . TRP A 1 17 ? 2.426   4.145   -2.431  1.00 27.09 ?  20  TRP A N   1 
ATOM   118 C  CA  . TRP A 1 17 ? 2.499   2.883   -1.713  1.00 23.06 ?  20  TRP A CA  1 
ATOM   119 C  C   . TRP A 1 17 ? 1.785   2.988   -0.376  1.00 24.81 ?  20  TRP A C   1 
ATOM   120 O  O   . TRP A 1 17 ? 1.765   4.051   0.251   1.00 23.00 ?  20  TRP A O   1 
ATOM   121 C  CB  . TRP A 1 17 ? 3.952   2.474   -1.470  1.00 22.49 ?  20  TRP A CB  1 
ATOM   122 C  CG  . TRP A 1 17 ? 4.643   1.933   -2.657  1.00 23.08 ?  20  TRP A CG  1 
ATOM   123 C  CD1 . TRP A 1 17 ? 4.891   2.578   -3.829  1.00 21.70 ?  20  TRP A CD1 1 
ATOM   124 C  CD2 . TRP A 1 17 ? 5.216   0.627   -2.781  1.00 22.69 ?  20  TRP A CD2 1 
ATOM   125 N  NE1 . TRP A 1 17 ? 5.569   1.746   -4.692  1.00 23.76 ?  20  TRP A NE1 1 
ATOM   126 C  CE2 . TRP A 1 17 ? 5.775   0.539   -4.073  1.00 23.55 ?  20  TRP A CE2 1 
ATOM   127 C  CE3 . TRP A 1 17 ? 5.296   -0.482  -1.930  1.00 21.00 ?  20  TRP A CE3 1 
ATOM   128 C  CZ2 . TRP A 1 17 ? 6.401   -0.618  -4.538  1.00 21.73 ?  20  TRP A CZ2 1 
ATOM   129 C  CZ3 . TRP A 1 17 ? 5.917   -1.627  -2.389  1.00 22.88 ?  20  TRP A CZ3 1 
ATOM   130 C  CH2 . TRP A 1 17 ? 6.472   -1.685  -3.682  1.00 23.41 ?  20  TRP A CH2 1 
ATOM   131 N  N   . ILE A 1 18 ? 1.244   1.865   0.076   1.00 22.92 ?  21  ILE A N   1 
ATOM   132 C  CA  . ILE A 1 18 ? 0.524   1.818   1.326   1.00 21.93 ?  21  ILE A CA  1 
ATOM   133 C  C   . ILE A 1 18 ? 0.853   0.525   2.064   1.00 22.71 ?  21  ILE A C   1 
ATOM   134 O  O   . ILE A 1 18 ? 1.134   -0.489  1.450   1.00 23.91 ?  21  ILE A O   1 
ATOM   135 C  CB  . ILE A 1 18 ? -0.986  1.949   1.083   1.00 23.90 ?  21  ILE A CB  1 
ATOM   136 C  CG1 . ILE A 1 18 ? -1.744  2.039   2.413   1.00 23.89 ?  21  ILE A CG1 1 
ATOM   137 C  CG2 . ILE A 1 18 ? -1.483  0.812   0.223   1.00 21.64 ?  21  ILE A CG2 1 
ATOM   138 C  CD1 . ILE A 1 18 ? -3.215  2.346   2.250   1.00 23.23 ?  21  ILE A CD1 1 
ATOM   139 N  N   . CYS A 1 19 ? 0.839   0.574   3.389   1.00 24.93 ?  22  CYS A N   1 
ATOM   140 C  CA  . CYS A 1 19 ? 1.243   -0.553  4.215   1.00 21.65 ?  22  CYS A CA  1 
ATOM   141 C  C   . CYS A 1 19 ? 0.050   -1.121  4.969   1.00 23.15 ?  22  CYS A C   1 
ATOM   142 O  O   . CYS A 1 19 ? -0.804  -0.373  5.433   1.00 23.42 ?  22  CYS A O   1 
ATOM   143 C  CB  . CYS A 1 19 ? 2.335   -0.106  5.192   1.00 23.45 ?  22  CYS A CB  1 
ATOM   144 S  SG  . CYS A 1 19 ? 3.066   -1.371  6.253   1.00 23.90 ?  22  CYS A SG  1 
ATOM   145 N  N   . CYS A 1 20 ? -0.001  -2.443  5.106   1.00 24.62 ?  23  CYS A N   1 
ATOM   146 C  CA  . CYS A 1 20 ? -1.092  -3.087  5.831   1.00 24.75 ?  23  CYS A CA  1 
ATOM   147 C  C   . CYS A 1 20 ? -0.827  -3.030  7.330   1.00 27.90 ?  23  CYS A C   1 
ATOM   148 O  O   . CYS A 1 20 ? 0.240   -3.424  7.787   1.00 28.54 ?  23  CYS A O   1 
ATOM   149 C  CB  . CYS A 1 20 ? -1.277  -4.539  5.373   1.00 23.47 ?  23  CYS A CB  1 
ATOM   150 S  SG  . CYS A 1 20 ? -2.554  -5.474  6.276   1.00 29.45 ?  23  CYS A SG  1 
ATOM   151 N  N   . ASP A 1 21 ? -1.800  -2.537  8.090   1.00 24.83 ?  24  ASP A N   1 
ATOM   152 C  CA  . ASP A 1 21 ? -1.647  -2.394  9.533   1.00 24.25 ?  24  ASP A CA  1 
ATOM   153 C  C   . ASP A 1 21 ? -1.721  -3.726  10.281  1.00 28.59 ?  24  ASP A C   1 
ATOM   154 O  O   . ASP A 1 21 ? -1.365  -3.790  11.452  1.00 29.85 ?  24  ASP A O   1 
ATOM   155 C  CB  . ASP A 1 21 ? -2.709  -1.439  10.079  1.00 25.89 ?  24  ASP A CB  1 
ATOM   156 C  CG  . ASP A 1 21 ? -2.450  -0.003  9.685   1.00 27.63 ?  24  ASP A CG  1 
ATOM   157 O  OD1 . ASP A 1 21 ? -1.267  0.377   9.592   1.00 28.32 ?  24  ASP A OD1 1 
ATOM   158 O  OD2 . ASP A 1 21 ? -3.418  0.747   9.462   1.00 31.23 -1 24  ASP A OD2 1 
ATOM   159 N  N   . VAL A 1 22 ? -2.186  -4.774  9.601   1.00 27.20 ?  25  VAL A N   1 
ATOM   160 C  CA  . VAL A 1 22 ? -2.234  -6.125  10.157  1.00 25.63 ?  25  VAL A CA  1 
ATOM   161 C  C   . VAL A 1 22 ? -0.989  -6.962  9.822   1.00 29.68 ?  25  VAL A C   1 
ATOM   162 O  O   . VAL A 1 22 ? -0.277  -7.395  10.728  1.00 29.33 ?  25  VAL A O   1 
ATOM   163 C  CB  . VAL A 1 22 ? -3.476  -6.910  9.654   1.00 27.46 ?  25  VAL A CB  1 
ATOM   164 C  CG1 . VAL A 1 22 ? -3.601  -8.229  10.395  1.00 22.00 ?  25  VAL A CG1 1 
ATOM   165 C  CG2 . VAL A 1 22 ? -4.740  -6.091  9.822   1.00 25.81 ?  25  VAL A CG2 1 
ATOM   166 N  N   . CYS A 1 23 ? -0.728  -7.211  8.532   1.00 29.36 ?  26  CYS A N   1 
ATOM   167 C  CA  . CYS A 1 23 ? 0.425   -8.051  8.146   1.00 27.93 ?  26  CYS A CA  1 
ATOM   168 C  C   . CYS A 1 23 ? 1.706   -7.267  7.847   1.00 28.82 ?  26  CYS A C   1 
ATOM   169 O  O   . CYS A 1 23 ? 2.768   -7.866  7.662   1.00 27.44 ?  26  CYS A O   1 
ATOM   170 C  CB  . CYS A 1 23 ? 0.083   -8.921  6.930   1.00 27.59 ?  26  CYS A CB  1 
ATOM   171 S  SG  . CYS A 1 23 ? -0.077  -8.038  5.360   1.00 27.53 ?  26  CYS A SG  1 
ATOM   172 N  N   . GLU A 1 24 ? 1.592   -5.937  7.800   1.00 30.84 ?  27  GLU A N   1 
ATOM   173 C  CA  . GLU A 1 24 ? 2.712   -5.013  7.542   1.00 28.83 ?  27  GLU A CA  1 
ATOM   174 C  C   . GLU A 1 24 ? 3.488   -5.218  6.243   1.00 25.37 ?  27  GLU A C   1 
ATOM   175 O  O   . GLU A 1 24 ? 4.630   -4.784  6.120   1.00 25.43 ?  27  GLU A O   1 
ATOM   176 C  CB  . GLU A 1 24 ? 3.676   -5.043  8.714   1.00 29.51 ?  27  GLU A CB  1 
ATOM   177 C  CG  . GLU A 1 24 ? 3.070   -4.352  9.915   1.00 39.61 ?  27  GLU A CG  1 
ATOM   178 C  CD  . GLU A 1 24 ? 4.095   -3.913  10.910  1.00 40.32 ?  27  GLU A CD  1 
ATOM   179 O  OE1 . GLU A 1 24 ? 5.257   -4.350  10.785  1.00 44.13 ?  27  GLU A OE1 1 
ATOM   180 O  OE2 . GLU A 1 24 ? 3.732   -3.128  11.810  1.00 43.58 -1 27  GLU A OE2 1 
ATOM   181 N  N   . ARG A 1 25 ? 2.863   -5.858  5.267   1.00 24.82 ?  28  ARG A N   1 
ATOM   182 C  CA  . ARG A 1 25 ? 3.430   -5.872  3.930   1.00 24.12 ?  28  ARG A CA  1 
ATOM   183 C  C   . ARG A 1 25 ? 3.250   -4.501  3.310   1.00 24.08 ?  28  ARG A C   1 
ATOM   184 O  O   . ARG A 1 25 ? 2.262   -3.817  3.585   1.00 24.10 ?  28  ARG A O   1 
ATOM   185 C  CB  . ARG A 1 25 ? 2.766   -6.933  3.050   1.00 27.21 ?  28  ARG A CB  1 
ATOM   186 C  CG  . ARG A 1 25 ? 3.145   -8.367  3.367   1.00 27.76 ?  28  ARG A CG  1 
ATOM   187 C  CD  . ARG A 1 25 ? 2.493   -9.303  2.352   1.00 33.45 ?  28  ARG A CD  1 
ATOM   188 N  NE  . ARG A 1 25 ? 2.682   -10.706 2.694   1.00 36.97 ?  28  ARG A NE  1 
ATOM   189 C  CZ  . ARG A 1 25 ? 1.849   -11.396 3.468   1.00 42.07 ?  28  ARG A CZ  1 
ATOM   190 N  NH1 . ARG A 1 25 ? 2.096   -12.675 3.737   1.00 39.54 ?  28  ARG A NH1 1 
ATOM   191 N  NH2 . ARG A 1 25 ? 0.766   -10.806 3.968   1.00 36.06 ?  28  ARG A NH2 1 
ATOM   192 N  N   . TRP A 1 26 ? 4.204   -4.099  2.479   1.00 24.00 ?  29  TRP A N   1 
ATOM   193 C  CA  . TRP A 1 26 ? 4.077   -2.872  1.700   1.00 23.41 ?  29  TRP A CA  1 
ATOM   194 C  C   . TRP A 1 26 ? 3.545   -3.176  0.306   1.00 25.38 ?  29  TRP A C   1 
ATOM   195 O  O   . TRP A 1 26 ? 3.922   -4.179  -0.299  1.00 25.37 ?  29  TRP A O   1 
ATOM   196 C  CB  . TRP A 1 26 ? 5.417   -2.151  1.614   1.00 19.37 ?  29  TRP A CB  1 
ATOM   197 C  CG  . TRP A 1 26 ? 5.665   -1.247  2.779   1.00 23.79 ?  29  TRP A CG  1 
ATOM   198 C  CD1 . TRP A 1 26 ? 6.435   -1.507  3.887   1.00 21.30 ?  29  TRP A CD1 1 
ATOM   199 C  CD2 . TRP A 1 26 ? 5.121   0.063   2.969   1.00 22.72 ?  29  TRP A CD2 1 
ATOM   200 N  NE1 . TRP A 1 26 ? 6.405   -0.429  4.742   1.00 19.81 ?  29  TRP A NE1 1 
ATOM   201 C  CE2 . TRP A 1 26 ? 5.603   0.542   4.203   1.00 20.96 ?  29  TRP A CE2 1 
ATOM   202 C  CE3 . TRP A 1 26 ? 4.276   0.881   2.209   1.00 22.60 ?  29  TRP A CE3 1 
ATOM   203 C  CZ2 . TRP A 1 26 ? 5.269   1.797   4.688   1.00 20.33 ?  29  TRP A CZ2 1 
ATOM   204 C  CZ3 . TRP A 1 26 ? 3.946   2.125   2.693   1.00 19.70 ?  29  TRP A CZ3 1 
ATOM   205 C  CH2 . TRP A 1 26 ? 4.442   2.573   3.919   1.00 21.58 ?  29  TRP A CH2 1 
ATOM   206 N  N   . TYR A 1 27 ? 2.674   -2.307  -0.203  1.00 25.03 ?  30  TYR A N   1 
ATOM   207 C  CA  . TYR A 1 27 ? 2.023   -2.533  -1.493  1.00 23.46 ?  30  TYR A CA  1 
ATOM   208 C  C   . TYR A 1 27 ? 2.016   -1.301  -2.390  1.00 24.86 ?  30  TYR A C   1 
ATOM   209 O  O   . TYR A 1 27 ? 1.934   -0.183  -1.892  1.00 24.70 ?  30  TYR A O   1 
ATOM   210 C  CB  . TYR A 1 27 ? 0.573   -2.953  -1.297  1.00 22.88 ?  30  TYR A CB  1 
ATOM   211 C  CG  . TYR A 1 27 ? 0.320   -4.272  -0.605  1.00 26.28 ?  30  TYR A CG  1 
ATOM   212 C  CD1 . TYR A 1 27 ? 0.280   -5.453  -1.324  1.00 25.32 ?  30  TYR A CD1 1 
ATOM   213 C  CD2 . TYR A 1 27 ? 0.058   -4.328  0.762   1.00 25.62 ?  30  TYR A CD2 1 
ATOM   214 C  CE1 . TYR A 1 27 ? 0.017   -6.659  -0.703  1.00 23.90 ?  30  TYR A CE1 1 
ATOM   215 C  CE2 . TYR A 1 27 ? -0.205  -5.526  1.385   1.00 24.24 ?  30  TYR A CE2 1 
ATOM   216 C  CZ  . TYR A 1 27 ? -0.231  -6.689  0.644   1.00 25.33 ?  30  TYR A CZ  1 
ATOM   217 O  OH  . TYR A 1 27 ? -0.501  -7.898  1.253   1.00 26.53 ?  30  TYR A OH  1 
ATOM   218 N  N   . HIS A 1 28 ? 2.077   -1.505  -3.706  1.00 23.06 ?  31  HIS A N   1 
ATOM   219 C  CA  . HIS A 1 28 ? 1.623   -0.481  -4.645  1.00 23.34 ?  31  HIS A CA  1 
ATOM   220 C  C   . HIS A 1 28 ? 0.196   -0.144  -4.283  1.00 22.95 ?  31  HIS A C   1 
ATOM   221 O  O   . HIS A 1 28 ? -0.608  -1.054  -4.082  1.00 24.00 ?  31  HIS A O   1 
ATOM   222 C  CB  . HIS A 1 28 ? 1.644   -0.963  -6.099  1.00 24.12 ?  31  HIS A CB  1 
ATOM   223 C  CG  . HIS A 1 28 ? 2.996   -0.986  -6.732  1.00 22.85 ?  31  HIS A CG  1 
ATOM   224 N  ND1 . HIS A 1 28 ? 3.574   -2.147  -7.202  1.00 21.97 ?  31  HIS A ND1 1 
ATOM   225 C  CD2 . HIS A 1 28 ? 3.863   0.012   -7.024  1.00 23.08 ?  31  HIS A CD2 1 
ATOM   226 C  CE1 . HIS A 1 28 ? 4.748   -1.866  -7.738  1.00 21.84 ?  31  HIS A CE1 1 
ATOM   227 N  NE2 . HIS A 1 28 ? 4.947   -0.562  -7.643  1.00 24.13 ?  31  HIS A NE2 1 
ATOM   228 N  N   . GLY A 1 29 ? -0.134  1.139   -4.198  1.00 21.79 ?  32  GLY A N   1 
ATOM   229 C  CA  . GLY A 1 29 ? -1.524  1.534   -4.055  1.00 22.97 ?  32  GLY A CA  1 
ATOM   230 C  C   . GLY A 1 29 ? -2.349  0.974   -5.212  1.00 23.99 ?  32  GLY A C   1 
ATOM   231 O  O   . GLY A 1 29 ? -3.500  0.576   -5.048  1.00 24.79 ?  32  GLY A O   1 
ATOM   232 N  N   . LYS A 1 30 ? -1.741  0.925   -6.390  1.00 21.19 ?  33  LYS A N   1 
ATOM   233 C  CA  . LYS A 1 30 ? -2.430  0.441   -7.579  1.00 23.05 ?  33  LYS A CA  1 
ATOM   234 C  C   . LYS A 1 30 ? -2.747  -1.050  -7.505  1.00 25.75 ?  33  LYS A C   1 
ATOM   235 O  O   . LYS A 1 30 ? -3.772  -1.494  -8.021  1.00 26.39 ?  33  LYS A O   1 
ATOM   236 C  CB  . LYS A 1 30 ? -1.597  0.725   -8.818  1.00 21.23 ?  33  LYS A CB  1 
ATOM   237 C  CG  . LYS A 1 30 ? -1.594  2.165   -9.231  1.00 19.29 ?  33  LYS A CG  1 
ATOM   238 C  CD  . LYS A 1 30 ? -0.636  2.379   -10.397 1.00 22.82 ?  33  LYS A CD  1 
ATOM   239 C  CE  . LYS A 1 30 ? -0.675  3.824   -10.854 1.00 25.73 ?  33  LYS A CE  1 
ATOM   240 N  NZ  . LYS A 1 30 ? 0.422   4.129   -11.791 1.00 27.62 ?  33  LYS A NZ  1 
ATOM   241 N  N   . CYS A 1 31 ? -1.874  -1.825  -6.868  1.00 24.06 ?  34  CYS A N   1 
ATOM   242 C  CA  . CYS A 1 31 ? -2.115  -3.258  -6.774  1.00 24.79 ?  34  CYS A CA  1 
ATOM   243 C  C   . CYS A 1 31 ? -3.258  -3.583  -5.822  1.00 28.39 ?  34  CYS A C   1 
ATOM   244 O  O   . CYS A 1 31 ? -4.089  -4.441  -6.127  1.00 27.87 ?  34  CYS A O   1 
ATOM   245 C  CB  . CYS A 1 31 ? -0.854  -3.991  -6.345  1.00 23.56 ?  34  CYS A CB  1 
ATOM   246 S  SG  . CYS A 1 31 ? 0.358   -4.017  -7.643  1.00 23.45 ?  34  CYS A SG  1 
ATOM   247 N  N   . VAL A 1 32 ? -3.310  -2.903  -4.679  1.00 26.25 ?  35  VAL A N   1 
ATOM   248 C  CA  . VAL A 1 32 ? -4.387  -3.146  -3.725  1.00 25.39 ?  35  VAL A CA  1 
ATOM   249 C  C   . VAL A 1 32 ? -5.559  -2.180  -3.921  1.00 27.15 ?  35  VAL A C   1 
ATOM   250 O  O   . VAL A 1 32 ? -6.531  -2.219  -3.168  1.00 27.08 ?  35  VAL A O   1 
ATOM   251 C  CB  . VAL A 1 32 ? -3.881  -3.068  -2.275  1.00 24.83 ?  35  VAL A CB  1 
ATOM   252 C  CG1 . VAL A 1 32 ? -2.910  -4.215  -1.999  1.00 24.96 ?  35  VAL A CG1 1 
ATOM   253 C  CG2 . VAL A 1 32 ? -3.225  -1.717  -1.997  1.00 22.91 ?  35  VAL A CG2 1 
ATOM   254 N  N   . LYS A 1 33 ? -5.461  -1.324  -4.936  1.00 26.49 ?  36  LYS A N   1 
ATOM   255 C  CA  . LYS A 1 33 ? -6.573  -0.471  -5.361  1.00 28.75 ?  36  LYS A CA  1 
ATOM   256 C  C   . LYS A 1 33 ? -6.958  0.562   -4.306  1.00 29.18 ?  36  LYS A C   1 
ATOM   257 O  O   . LYS A 1 33 ? -8.141  0.742   -3.988  1.00 28.97 ?  36  LYS A O   1 
ATOM   258 C  CB  . LYS A 1 33 ? -7.795  -1.327  -5.735  1.00 29.82 ?  36  LYS A CB  1 
ATOM   259 C  CG  . LYS A 1 33 ? -7.532  -2.328  -6.849  1.00 28.32 ?  36  LYS A CG  1 
ATOM   260 C  CD  . LYS A 1 33 ? -7.095  -1.607  -8.117  1.00 32.27 ?  36  LYS A CD  1 
ATOM   261 C  CE  . LYS A 1 33 ? -6.770  -2.571  -9.248  1.00 34.69 ?  36  LYS A CE  1 
ATOM   262 N  NZ  . LYS A 1 33 ? -5.778  -3.603  -8.850  1.00 35.40 ?  36  LYS A NZ  1 
ATOM   263 N  N   . ILE A 1 34 ? -5.944  1.234   -3.767  1.00 28.22 ?  37  ILE A N   1 
ATOM   264 C  CA  . ILE A 1 34 ? -6.143  2.354   -2.853  1.00 24.71 ?  37  ILE A CA  1 
ATOM   265 C  C   . ILE A 1 34 ? -5.444  3.588   -3.417  1.00 26.57 ?  37  ILE A C   1 
ATOM   266 O  O   . ILE A 1 34 ? -4.242  3.560   -3.659  1.00 27.21 ?  37  ILE A O   1 
ATOM   267 C  CB  . ILE A 1 34 ? -5.594  2.052   -1.448  1.00 25.36 ?  37  ILE A CB  1 
ATOM   268 C  CG1 . ILE A 1 34 ? -6.298  0.837   -0.832  1.00 27.39 ?  37  ILE A CG1 1 
ATOM   269 C  CG2 . ILE A 1 34 ? -5.740  3.259   -0.552  1.00 25.87 ?  37  ILE A CG2 1 
ATOM   270 C  CD1 . ILE A 1 34 ? -7.773  1.029   -0.581  1.00 26.27 ?  37  ILE A CD1 1 
ATOM   271 N  N   . THR A 1 35 ? -6.197  4.662   -3.648  1.00 25.81 ?  38  THR A N   1 
ATOM   272 C  CA  . THR A 1 35 ? -5.601  5.921   -4.083  1.00 25.33 ?  38  THR A CA  1 
ATOM   273 C  C   . THR A 1 35 ? -5.092  6.687   -2.873  1.00 24.45 ?  38  THR A C   1 
ATOM   274 O  O   . THR A 1 35 ? -5.434  6.345   -1.741  1.00 25.48 ?  38  THR A O   1 
ATOM   275 C  CB  . THR A 1 35 ? -6.609  6.788   -4.857  1.00 24.87 ?  38  THR A CB  1 
ATOM   276 O  OG1 . THR A 1 35 ? -7.779  6.981   -4.059  1.00 27.34 ?  38  THR A OG1 1 
ATOM   277 C  CG2 . THR A 1 35 ? -6.997  6.108   -6.170  1.00 26.70 ?  38  THR A CG2 1 
ATOM   278 N  N   . PRO A 1 36 ? -4.258  7.714   -3.098  1.00 25.83 ?  39  PRO A N   1 
ATOM   279 C  CA  . PRO A 1 36 ? -3.871  8.555   -1.961  1.00 26.30 ?  39  PRO A CA  1 
ATOM   280 C  C   . PRO A 1 36 ? -5.072  9.140   -1.233  1.00 26.91 ?  39  PRO A C   1 
ATOM   281 O  O   . PRO A 1 36 ? -5.065  9.209   -0.004  1.00 27.97 ?  39  PRO A O   1 
ATOM   282 C  CB  . PRO A 1 36 ? -3.039  9.662   -2.616  1.00 24.52 ?  39  PRO A CB  1 
ATOM   283 C  CG  . PRO A 1 36 ? -2.398  8.982   -3.772  1.00 21.90 ?  39  PRO A CG  1 
ATOM   284 C  CD  . PRO A 1 36 ? -3.457  8.023   -4.299  1.00 23.68 ?  39  PRO A CD  1 
ATOM   285 N  N   . ALA A 1 37 ? -6.089  9.542   -1.985  1.00 26.84 ?  40  ALA A N   1 
ATOM   286 C  CA  . ALA A 1 37 ? -7.274  10.158  -1.398  1.00 28.13 ?  40  ALA A CA  1 
ATOM   287 C  C   . ALA A 1 37 ? -8.064  9.147   -0.568  1.00 27.86 ?  40  ALA A C   1 
ATOM   288 O  O   . ALA A 1 37 ? -8.509  9.451   0.543   1.00 31.94 ?  40  ALA A O   1 
ATOM   289 C  CB  . ALA A 1 37 ? -8.155  10.761  -2.490  1.00 26.37 ?  40  ALA A CB  1 
ATOM   290 N  N   . LYS A 1 38 ? -8.238  7.952   -1.116  1.00 25.67 ?  41  LYS A N   1 
ATOM   291 C  CA  . LYS A 1 38 ? -8.930  6.877   -0.420  1.00 29.58 ?  41  LYS A CA  1 
ATOM   292 C  C   . LYS A 1 38 ? -8.226  6.583   0.895   1.00 30.87 ?  41  LYS A C   1 
ATOM   293 O  O   . LYS A 1 38 ? -8.862  6.497   1.944   1.00 32.53 ?  41  LYS A O   1 
ATOM   294 C  CB  . LYS A 1 38 ? -8.992  5.626   -1.295  1.00 29.77 ?  41  LYS A CB  1 
ATOM   295 C  CG  . LYS A 1 38 ? -9.472  4.375   -0.597  1.00 32.24 ?  41  LYS A CG  1 
ATOM   296 C  CD  . LYS A 1 38 ? -10.916 4.496   -0.178  1.00 37.67 ?  41  LYS A CD  1 
ATOM   297 C  CE  . LYS A 1 38 ? -11.528 3.145   0.169   1.00 34.80 ?  41  LYS A CE  1 
ATOM   298 N  NZ  . LYS A 1 38 ? -11.510 2.217   -1.002  1.00 41.13 ?  41  LYS A NZ  1 
ATOM   299 N  N   . ALA A 1 39 ? -6.904  6.472   0.845   1.00 28.74 ?  42  ALA A N   1 
ATOM   300 C  CA  . ALA A 1 39 ? -6.132  6.162   2.048   1.00 31.09 ?  42  ALA A CA  1 
ATOM   301 C  C   . ALA A 1 39 ? -6.324  7.208   3.158   1.00 30.89 ?  42  ALA A C   1 
ATOM   302 O  O   . ALA A 1 39 ? -6.241  6.878   4.332   1.00 30.70 ?  42  ALA A O   1 
ATOM   303 C  CB  . ALA A 1 39 ? -4.653  6.013   1.700   1.00 26.55 ?  42  ALA A CB  1 
ATOM   304 N  N   . GLU A 1 40 ? -6.600  8.455   2.784   1.00 30.64 ?  43  GLU A N   1 
ATOM   305 C  CA  . GLU A 1 40 ? -6.825  9.515   3.765   1.00 37.35 ?  43  GLU A CA  1 
ATOM   306 C  C   . GLU A 1 40 ? -8.039  9.255   4.640   1.00 35.09 ?  43  GLU A C   1 
ATOM   307 O  O   . GLU A 1 40 ? -8.071  9.664   5.794   1.00 35.31 ?  43  GLU A O   1 
ATOM   308 C  CB  . GLU A 1 40 ? -7.000  10.865  3.080   1.00 36.08 ?  43  GLU A CB  1 
ATOM   309 C  CG  . GLU A 1 40 ? -5.728  11.481  2.571   1.00 35.35 ?  43  GLU A CG  1 
ATOM   310 C  CD  . GLU A 1 40 ? -6.000  12.749  1.804   1.00 40.89 ?  43  GLU A CD  1 
ATOM   311 O  OE1 . GLU A 1 40 ? -6.903  13.501  2.222   1.00 47.75 ?  43  GLU A OE1 1 
ATOM   312 O  OE2 . GLU A 1 40 ? -5.333  12.986  0.773   1.00 46.11 -1 43  GLU A OE2 1 
ATOM   313 N  N   . SER A 1 41 ? -9.041  8.585   4.084   1.00 33.83 ?  44  SER A N   1 
ATOM   314 C  CA  . SER A 1 41 ? -10.258 8.297   4.828   1.00 31.37 ?  44  SER A CA  1 
ATOM   315 C  C   . SER A 1 41 ? -10.151 6.953   5.524   1.00 36.30 ?  44  SER A C   1 
ATOM   316 O  O   . SER A 1 41 ? -11.152 6.418   5.983   1.00 41.61 ?  44  SER A O   1 
ATOM   317 C  CB  . SER A 1 41 ? -11.479 8.303   3.911   1.00 36.50 ?  44  SER A CB  1 
ATOM   318 O  OG  . SER A 1 41 ? -11.683 7.022   3.325   1.00 39.36 ?  44  SER A OG  1 
ATOM   319 N  N   . ILE A 1 42 ? -8.939  6.408   5.590   1.00 36.84 ?  45  ILE A N   1 
ATOM   320 C  CA  . ILE A 1 42 ? -8.712  5.102   6.208   1.00 38.04 ?  45  ILE A CA  1 
ATOM   321 C  C   . ILE A 1 42 ? -7.813  5.189   7.440   1.00 39.49 ?  45  ILE A C   1 
ATOM   322 O  O   . ILE A 1 42 ? -6.691  5.707   7.370   1.00 36.73 ?  45  ILE A O   1 
ATOM   323 C  CB  . ILE A 1 42 ? -8.074  4.111   5.219   1.00 31.15 ?  45  ILE A CB  1 
ATOM   324 C  CG1 . ILE A 1 42 ? -9.045  3.770   4.095   1.00 33.39 ?  45  ILE A CG1 1 
ATOM   325 C  CG2 . ILE A 1 42 ? -7.641  2.849   5.943   1.00 31.87 ?  45  ILE A CG2 1 
ATOM   326 C  CD1 . ILE A 1 42 ? -8.436  2.852   3.027   1.00 30.65 ?  45  ILE A CD1 1 
ATOM   327 N  N   . LYS A 1 43 ? -8.301  4.672   8.566   1.00 40.27 ?  46  LYS A N   1 
ATOM   328 C  CA  . LYS A 1 43 ? -7.497  4.640   9.782   1.00 40.55 ?  46  LYS A CA  1 
ATOM   329 C  C   . LYS A 1 43 ? -6.570  3.430   9.756   1.00 38.66 ?  46  LYS A C   1 
ATOM   330 O  O   . LYS A 1 43 ? -5.406  3.547   9.361   1.00 34.35 ?  46  LYS A O   1 
ATOM   331 C  CB  . LYS A 1 43 ? -8.387  4.625   11.024  1.00 41.50 ?  46  LYS A CB  1 
ATOM   332 C  CG  . LYS A 1 43 ? -9.217  5.888   11.201  1.00 43.94 ?  46  LYS A CG  1 
ATOM   333 C  CD  . LYS A 1 43 ? -8.578  6.887   12.170  1.00 51.67 ?  46  LYS A CD  1 
ATOM   334 C  CE  . LYS A 1 43 ? -7.454  7.696   11.536  1.00 49.09 ?  46  LYS A CE  1 
ATOM   335 N  NZ  . LYS A 1 43 ? -6.781  8.607   12.521  1.00 52.31 ?  46  LYS A NZ  1 
ATOM   336 N  N   . GLN A 1 44 ? -7.076  2.271   10.171  1.00 39.81 ?  47  GLN A N   1 
ATOM   337 C  CA  . GLN A 1 44 ? -6.296  1.040   10.036  1.00 39.67 ?  47  GLN A CA  1 
ATOM   338 C  C   . GLN A 1 44 ? -6.613  0.364   8.702   1.00 35.35 ?  47  GLN A C   1 
ATOM   339 O  O   . GLN A 1 44 ? -7.752  -0.028  8.431   1.00 32.71 ?  47  GLN A O   1 
ATOM   340 C  CB  . GLN A 1 44 ? -6.554  0.082   11.203  1.00 38.93 ?  47  GLN A CB  1 
ATOM   341 C  CG  . GLN A 1 44 ? -5.587  0.263   12.380  1.00 42.35 ?  47  GLN A CG  1 
ATOM   342 C  CD  . GLN A 1 44 ? -5.842  1.546   13.179  1.00 53.90 ?  47  GLN A CD  1 
ATOM   343 O  OE1 . GLN A 1 44 ? -6.724  1.596   14.043  1.00 61.48 ?  47  GLN A OE1 1 
ATOM   344 N  NE2 . GLN A 1 44 ? -5.062  2.585   12.895  1.00 47.76 ?  47  GLN A NE2 1 
ATOM   345 N  N   . TYR A 1 45 ? -5.594  0.250   7.863   1.00 30.75 ?  48  TYR A N   1 
ATOM   346 C  CA  . TYR A 1 45 ? -5.772  -0.362  6.568   1.00 29.97 ?  48  TYR A CA  1 
ATOM   347 C  C   . TYR A 1 45 ? -5.593  -1.870  6.659   1.00 29.36 ?  48  TYR A C   1 
ATOM   348 O  O   . TYR A 1 45 ? -4.620  -2.361  7.226   1.00 28.93 ?  48  TYR A O   1 
ATOM   349 C  CB  . TYR A 1 45 ? -4.799  0.226   5.543   1.00 29.27 ?  48  TYR A CB  1 
ATOM   350 C  CG  . TYR A 1 45 ? -4.840  -0.519  4.229   1.00 27.54 ?  48  TYR A CG  1 
ATOM   351 C  CD1 . TYR A 1 45 ? -5.995  -0.537  3.460   1.00 29.02 ?  48  TYR A CD1 1 
ATOM   352 C  CD2 . TYR A 1 45 ? -3.743  -1.235  3.775   1.00 26.12 ?  48  TYR A CD2 1 
ATOM   353 C  CE1 . TYR A 1 45 ? -6.049  -1.223  2.271   1.00 26.77 ?  48  TYR A CE1 1 
ATOM   354 C  CE2 . TYR A 1 45 ? -3.788  -1.930  2.588   1.00 25.02 ?  48  TYR A CE2 1 
ATOM   355 C  CZ  . TYR A 1 45 ? -4.943  -1.919  1.837   1.00 27.98 ?  48  TYR A CZ  1 
ATOM   356 O  OH  . TYR A 1 45 ? -4.998  -2.615  0.646   1.00 30.31 ?  48  TYR A OH  1 
ATOM   357 N  N   . LYS A 1 46 ? -6.539  -2.599  6.081   1.00 30.78 ?  49  LYS A N   1 
ATOM   358 C  CA  . LYS A 1 46 ? -6.457  -4.046  5.996   1.00 30.42 ?  49  LYS A CA  1 
ATOM   359 C  C   . LYS A 1 46 ? -6.332  -4.470  4.523   1.00 32.02 ?  49  LYS A C   1 
ATOM   360 O  O   . LYS A 1 46 ? -7.231  -4.228  3.717   1.00 31.75 ?  49  LYS A O   1 
ATOM   361 C  CB  . LYS A 1 46 ? -7.683  -4.671  6.658   1.00 32.54 ?  49  LYS A CB  1 
ATOM   362 C  CG  . LYS A 1 46 ? -7.515  -6.111  7.088   1.00 40.26 ?  49  LYS A CG  1 
ATOM   363 C  CD  . LYS A 1 46 ? -8.402  -6.422  8.296   1.00 47.17 ?  49  LYS A CD  1 
ATOM   364 C  CE  . LYS A 1 46 ? -8.652  -7.927  8.412   1.00 54.17 ?  49  LYS A CE  1 
ATOM   365 N  NZ  . LYS A 1 46 ? -9.461  -8.296  9.615   1.00 60.50 ?  49  LYS A NZ  1 
ATOM   366 N  N   . CYS A 1 47 ? -5.201  -5.078  4.171   1.00 29.34 ?  50  CYS A N   1 
ATOM   367 C  CA  . CYS A 1 47 ? -4.927  -5.439  2.790   1.00 27.77 ?  50  CYS A CA  1 
ATOM   368 C  C   . CYS A 1 47 ? -5.865  -6.574  2.356   1.00 33.30 ?  50  CYS A C   1 
ATOM   369 O  O   . CYS A 1 47 ? -6.423  -7.262  3.203   1.00 32.99 ?  50  CYS A O   1 
ATOM   370 C  CB  . CYS A 1 47 ? -3.458  -5.823  2.628   1.00 25.89 ?  50  CYS A CB  1 
ATOM   371 S  SG  . CYS A 1 47 ? -3.030  -7.504  3.089   1.00 25.83 ?  50  CYS A SG  1 
ATOM   372 N  N   . PRO A 1 48 ? -6.067  -6.748  1.035   1.00 33.74 ?  51  PRO A N   1 
ATOM   373 C  CA  . PRO A 1 48 ? -7.031  -7.739  0.531   1.00 36.31 ?  51  PRO A CA  1 
ATOM   374 C  C   . PRO A 1 48 ? -6.778  -9.149  1.055   1.00 34.66 ?  51  PRO A C   1 
ATOM   375 O  O   . PRO A 1 48 ? -7.718  -9.888  1.355   1.00 34.91 ?  51  PRO A O   1 
ATOM   376 C  CB  . PRO A 1 48 ? -6.820  -7.681  -0.985  1.00 30.57 ?  51  PRO A CB  1 
ATOM   377 C  CG  . PRO A 1 48 ? -6.364  -6.280  -1.227  1.00 29.85 ?  51  PRO A CG  1 
ATOM   378 C  CD  . PRO A 1 48 ? -5.466  -5.974  -0.068  1.00 30.49 ?  51  PRO A CD  1 
ATOM   379 N  N   . SER A 1 49 ? -5.506  -9.505  1.166   1.00 33.58 ?  52  SER A N   1 
ATOM   380 C  CA  . SER A 1 49 ? -5.121  -10.805 1.686   1.00 34.37 ?  52  SER A CA  1 
ATOM   381 C  C   . SER A 1 49 ? -5.544  -10.963 3.141   1.00 39.47 ?  52  SER A C   1 
ATOM   382 O  O   . SER A 1 49 ? -5.977  -12.037 3.555   1.00 42.39 ?  52  SER A O   1 
ATOM   383 C  CB  . SER A 1 49 ? -3.615  -10.998 1.540   1.00 32.16 ?  52  SER A CB  1 
ATOM   384 O  OG  . SER A 1 49 ? -3.170  -12.095 2.304   1.00 43.98 ?  52  SER A OG  1 
ATOM   385 N  N   . CYS A 1 50 ? -5.435  -9.887  3.915   1.00 38.05 ?  53  CYS A N   1 
ATOM   386 C  CA  . CYS A 1 50 ? -5.790  -9.930  5.329   1.00 35.78 ?  53  CYS A CA  1 
ATOM   387 C  C   . CYS A 1 50 ? -7.310  -9.932  5.552   1.00 43.94 ?  53  CYS A C   1 
ATOM   388 O  O   . CYS A 1 50 ? -7.786  -10.412 6.579   1.00 44.20 ?  53  CYS A O   1 
ATOM   389 C  CB  . CYS A 1 50 ? -5.141  -8.757  6.077   1.00 31.16 ?  53  CYS A CB  1 
ATOM   390 S  SG  . CYS A 1 50 ? -3.405  -9.041  6.538   1.00 24.80 ?  53  CYS A SG  1 
ATOM   391 N  N   . CYS A 1 51 ? -8.074  -9.410  4.596   1.00 43.84 ?  54  CYS A N   1 
ATOM   392 C  CA  . CYS A 1 51 ? -9.533  -9.522  4.660   1.00 47.29 ?  54  CYS A CA  1 
ATOM   393 C  C   . CYS A 1 51 ? -10.009 -10.958 4.404   1.00 56.95 ?  54  CYS A C   1 
ATOM   394 O  O   . CYS A 1 51 ? -11.209 -11.228 4.412   1.00 59.59 ?  54  CYS A O   1 
ATOM   395 C  CB  . CYS A 1 51 ? -10.197 -8.578  3.661   1.00 44.54 ?  54  CYS A CB  1 
ATOM   396 S  SG  . CYS A 1 51 ? -10.036 -6.849  4.086   1.00 59.29 ?  54  CYS A SG  1 
ATOM   397 N  N   . THR A 1 52 ? -9.066  -11.872 4.165   1.00 54.03 ?  55  THR A N   1 
ATOM   398 C  CA  . THR A 1 52 ? -9.384  -13.290 4.015   1.00 58.22 ?  55  THR A CA  1 
ATOM   399 C  C   . THR A 1 52 ? -8.824  -14.132 5.164   1.00 56.29 ?  55  THR A C   1 
ATOM   400 O  O   . THR A 1 52 ? -9.229  -13.980 6.321   1.00 58.51 ?  55  THR A O   1 
ATOM   401 C  CB  . THR A 1 52 ? -8.843  -13.850 2.688   1.00 62.19 ?  55  THR A CB  1 
ATOM   402 O  OG1 . THR A 1 52 ? -9.096  -12.919 1.626   1.00 59.92 ?  55  THR A OG1 1 
ATOM   403 C  CG2 . THR A 1 52 ? -9.503  -15.192 2.370   1.00 65.14 ?  55  THR A CG2 1 
ATOM   404 N  N   . ALA B 2 1  ? -3.432  5.678   7.712   1.00 26.37 ?  1   ALA P N   1 
ATOM   405 C  CA  . ALA B 2 1  ? -2.612  4.524   7.379   1.00 25.03 ?  1   ALA P CA  1 
ATOM   406 C  C   . ALA B 2 1  ? -1.204  4.972   7.039   1.00 25.35 ?  1   ALA P C   1 
ATOM   407 O  O   . ALA B 2 1  ? -0.968  6.154   6.790   1.00 27.45 ?  1   ALA P O   1 
ATOM   408 C  CB  . ALA B 2 1  ? -3.221  3.743   6.215   1.00 30.98 ?  1   ALA P CB  1 
ATOM   409 N  N   . ARG B 2 2  ? -0.265  4.032   7.038   1.00 21.60 ?  2   ARG P N   1 
ATOM   410 C  CA  . ARG B 2 2  ? 1.101   4.340   6.647   1.00 24.21 ?  2   ARG P CA  1 
ATOM   411 C  C   . ARG B 2 2  ? 1.221   4.370   5.126   1.00 24.12 ?  2   ARG P C   1 
ATOM   412 O  O   . ARG B 2 2  ? 0.767   3.454   4.439   1.00 22.72 ?  2   ARG P O   1 
ATOM   413 C  CB  . ARG B 2 2  ? 2.073   3.326   7.244   1.00 21.36 ?  2   ARG P CB  1 
ATOM   414 C  CG  . ARG B 2 2  ? 2.247   3.486   8.732   1.00 20.92 ?  2   ARG P CG  1 
ATOM   415 C  CD  . ARG B 2 2  ? 3.027   2.335   9.325   1.00 22.55 ?  2   ARG P CD  1 
ATOM   416 N  NE  . ARG B 2 2  ? 2.228   1.114   9.405   1.00 21.77 ?  2   ARG P NE  1 
ATOM   417 C  CZ  . ARG B 2 2  ? 2.688   -0.034  9.885   1.00 22.24 ?  2   ARG P CZ  1 
ATOM   418 N  NH1 . ARG B 2 2  ? 3.937   -0.113  10.317  1.00 23.23 ?  2   ARG P NH1 1 
ATOM   419 N  NH2 . ARG B 2 2  ? 1.907   -1.100  9.930   1.00 25.44 ?  2   ARG P NH2 1 
ATOM   420 N  N   . THR B 2 3  ? 1.813   5.439   4.605   1.00 22.14 ?  3   THR P N   1 
ATOM   421 C  CA  . THR B 2 3  ? 1.922   5.612   3.168   1.00 21.57 ?  3   THR P CA  1 
ATOM   422 C  C   . THR B 2 3  ? 3.257   6.168   2.714   1.00 21.28 ?  3   THR P C   1 
ATOM   423 O  O   . THR B 2 3  ? 3.986   6.793   3.474   1.00 22.46 ?  3   THR P O   1 
ATOM   424 C  CB  . THR B 2 3  ? 0.826   6.551   2.610   1.00 23.07 ?  3   THR P CB  1 
ATOM   425 O  OG1 . THR B 2 3  ? 0.992   7.868   3.151   1.00 24.42 ?  3   THR P OG1 1 
ATOM   426 C  CG2 . THR B 2 3  ? -0.570  6.021   2.921   1.00 20.40 ?  3   THR P CG2 1 
HETATM 427 N  N   . M3L B 2 4  ? 3.565   5.905   1.452   1.00 24.07 ?  4   M3L P N   1 
HETATM 428 C  CA  . M3L B 2 4  ? 4.624   6.572   0.753   1.00 24.57 ?  4   M3L P CA  1 
HETATM 429 C  CB  . M3L B 2 4  ? 5.698   5.628   0.182   1.00 22.31 ?  4   M3L P CB  1 
HETATM 430 C  CG  . M3L B 2 4  ? 6.342   4.825   1.287   1.00 20.62 ?  4   M3L P CG  1 
HETATM 431 C  CD  . M3L B 2 4  ? 7.223   3.715   0.723   1.00 24.75 ?  4   M3L P CD  1 
HETATM 432 C  CE  . M3L B 2 4  ? 7.512   2.693   1.823   1.00 23.26 ?  4   M3L P CE  1 
HETATM 433 N  NZ  . M3L B 2 4  ? 8.634   1.693   1.603   1.00 27.64 ?  4   M3L P NZ  1 
HETATM 434 C  C   . M3L B 2 4  ? 3.983   7.356   -0.386  1.00 24.33 ?  4   M3L P C   1 
HETATM 435 O  O   . M3L B 2 4  ? 3.394   6.844   -1.344  1.00 22.90 ?  4   M3L P O   1 
HETATM 436 C  CM1 . M3L B 2 4  ? 8.830   0.831   2.813   1.00 22.00 ?  4   M3L P CM1 1 
HETATM 437 C  CM2 . M3L B 2 4  ? 9.918   2.370   1.270   1.00 21.82 ?  4   M3L P CM2 1 
HETATM 438 C  CM3 . M3L B 2 4  ? 8.262   0.824   0.435   1.00 23.79 ?  4   M3L P CM3 1 
ATOM   439 N  N   . GLN B 2 5  ? 4.074   8.668   -0.250  1.00 20.62 ?  5   GLN P N   1 
ATOM   440 C  CA  . GLN B 2 5  ? 3.452   9.571   -1.198  1.00 24.49 ?  5   GLN P CA  1 
ATOM   441 C  C   . GLN B 2 5  ? 4.323   9.731   -2.438  1.00 29.62 ?  5   GLN P C   1 
ATOM   442 O  O   . GLN B 2 5  ? 5.519   9.446   -2.406  1.00 31.54 ?  5   GLN P O   1 
ATOM   443 C  CB  . GLN B 2 5  ? 3.197   10.926  -0.540  1.00 22.35 ?  5   GLN P CB  1 
ATOM   444 C  CG  . GLN B 2 5  ? 2.226   10.851  0.622   1.00 23.62 ?  5   GLN P CG  1 
ATOM   445 C  CD  . GLN B 2 5  ? 0.817   10.499  0.172   1.00 27.81 ?  5   GLN P CD  1 
ATOM   446 O  OE1 . GLN B 2 5  ? 0.386   10.893  -0.914  1.00 28.66 ?  5   GLN P OE1 1 
ATOM   447 N  NE2 . GLN B 2 5  ? 0.094   9.745   1.001   1.00 25.37 ?  5   GLN P NE2 1 
ATOM   448 N  N   . THR B 2 6  ? 3.719   10.171  -3.535  1.00 29.09 ?  6   THR P N   1 
ATOM   449 C  CA  . THR B 2 6  ? 4.463   10.447  -4.755  1.00 33.34 ?  6   THR P CA  1 
ATOM   450 C  C   . THR B 2 6  ? 5.316   11.703  -4.606  1.00 35.37 ?  6   THR P C   1 
ATOM   451 O  O   . THR B 2 6  ? 4.855   12.711  -4.086  1.00 35.11 ?  6   THR P O   1 
ATOM   452 C  CB  . THR B 2 6  ? 3.511   10.593  -5.954  1.00 36.77 ?  6   THR P CB  1 
ATOM   453 O  OG1 . THR B 2 6  ? 3.325   9.303   -6.557  1.00 36.48 ?  6   THR P OG1 1 
ATOM   454 C  CG2 . THR B 2 6  ? 4.084   11.543  -6.996  1.00 44.67 ?  6   THR P CG2 1 
ATOM   455 N  N   . ALA B 2 7  ? 6.572   11.625  -5.031  1.00 41.78 ?  7   ALA P N   1 
ATOM   456 C  CA  . ALA B 2 7  ? 7.434   12.801  -5.060  1.00 39.62 ?  7   ALA P CA  1 
ATOM   457 C  C   . ALA B 2 7  ? 6.892   13.819  -6.051  1.00 38.42 ?  7   ALA P C   1 
ATOM   458 O  O   . ALA B 2 7  ? 6.889   15.013  -5.772  1.00 48.71 ?  7   ALA P O   1 
ATOM   459 C  CB  . ALA B 2 7  ? 8.849   12.416  -5.425  1.00 42.85 ?  7   ALA P CB  1 
HETATM 460 ZN ZN  . ZN  C 3 .  ? 2.493   -3.971  -6.899  1.00 26.41 ?  101 ZN  A ZN  1 
HETATM 461 ZN ZN  . ZN  D 3 .  ? -2.237  -7.524  5.293   1.00 25.55 ?  102 ZN  A ZN  1 
HETATM 462 O  O   . HOH E 4 .  ? -4.591  4.546   12.290  1.00 39.37 ?  201 HOH A O   1 
HETATM 463 O  O   . HOH E 4 .  ? -0.649  1.176   7.501   1.00 28.60 ?  202 HOH A O   1 
HETATM 464 O  O   . HOH E 4 .  ? 0.692   5.704   -7.793  1.00 22.75 ?  203 HOH A O   1 
HETATM 465 O  O   . HOH E 4 .  ? 5.192   -8.327  6.953   1.00 33.04 ?  204 HOH A O   1 
HETATM 466 O  O   . HOH E 4 .  ? -7.338  -2.622  -0.414  1.00 25.46 ?  205 HOH A O   1 
HETATM 467 O  O   . HOH E 4 .  ? 0.795   2.432   -6.891  1.00 24.98 ?  206 HOH A O   1 
HETATM 468 O  O   . HOH E 4 .  ? -6.963  8.421   7.871   1.00 35.98 ?  207 HOH A O   1 
HETATM 469 O  O   . HOH E 4 .  ? -10.077 -0.701  -2.867  1.00 41.49 ?  208 HOH A O   1 
HETATM 470 O  O   . HOH E 4 .  ? 6.891   1.692   -7.005  1.00 25.07 ?  209 HOH A O   1 
HETATM 471 O  O   . HOH E 4 .  ? 7.235   -0.877  -9.286  1.00 23.50 ?  210 HOH A O   1 
HETATM 472 O  O   . HOH E 4 .  ? -3.591  3.788   -6.293  1.00 23.76 ?  211 HOH A O   1 
HETATM 473 O  O   . HOH E 4 .  ? -10.274 2.863   9.092   1.00 47.21 ?  212 HOH A O   1 
HETATM 474 O  O   . HOH E 4 .  ? -2.748  9.351   1.577   1.00 25.31 ?  213 HOH A O   1 
HETATM 475 O  O   . HOH E 4 .  ? -8.978  3.444   -3.921  1.00 35.40 ?  214 HOH A O   1 
HETATM 476 O  O   . HOH E 4 .  ? -8.517  -4.606  1.196   1.00 40.40 ?  215 HOH A O   1 
HETATM 477 O  O   . HOH E 4 .  ? 7.839   -1.302  7.100   1.00 30.85 ?  216 HOH A O   1 
HETATM 478 O  O   . HOH E 4 .  ? -2.952  -8.569  -0.223  1.00 33.25 ?  217 HOH A O   1 
HETATM 479 O  O   . HOH E 4 .  ? 13.811  7.189   -4.702  1.00 48.86 ?  218 HOH A O   1 
HETATM 480 O  O   . HOH E 4 .  ? -9.168  -1.657  4.657   1.00 38.60 ?  219 HOH A O   1 
HETATM 481 O  O   . HOH E 4 .  ? -7.917  2.112   -6.904  1.00 38.60 ?  220 HOH A O   1 
HETATM 482 O  O   . HOH E 4 .  ? 9.492   3.416   -12.949 1.00 33.61 ?  221 HOH A O   1 
HETATM 483 O  O   . HOH E 4 .  ? -5.302  2.801   -7.475  1.00 26.70 ?  222 HOH A O   1 
HETATM 484 O  O   . HOH E 4 .  ? -2.173  5.914   -7.281  1.00 20.77 ?  223 HOH A O   1 
HETATM 485 O  O   . HOH E 4 .  ? -10.105 -0.378  2.951   1.00 37.43 ?  224 HOH A O   1 
HETATM 486 O  O   . HOH F 4 .  ? 0.777   10.186  -3.247  1.00 25.78 ?  101 HOH P O   1 
HETATM 487 O  O   . HOH F 4 .  ? -3.960  7.293   5.862   1.00 29.67 ?  102 HOH P O   1 
HETATM 488 O  O   . HOH F 4 .  ? 0.016   8.305   5.493   1.00 23.45 ?  103 HOH P O   1 
HETATM 489 O  O   . HOH F 4 .  ? 6.324   7.042   -3.051  1.00 28.40 ?  104 HOH P O   1 
# 
loop_
_pdbx_poly_seq_scheme.asym_id 
_pdbx_poly_seq_scheme.entity_id 
_pdbx_poly_seq_scheme.seq_id 
_pdbx_poly_seq_scheme.mon_id 
_pdbx_poly_seq_scheme.ndb_seq_num 
_pdbx_poly_seq_scheme.pdb_seq_num 
_pdbx_poly_seq_scheme.auth_seq_num 
_pdbx_poly_seq_scheme.pdb_mon_id 
_pdbx_poly_seq_scheme.auth_mon_id 
_pdbx_poly_seq_scheme.pdb_strand_id 
_pdbx_poly_seq_scheme.pdb_ins_code 
_pdbx_poly_seq_scheme.hetero 
A 1 1  ASP 1  4  4  ASP ASP A . n 
A 1 2  THR 2  5  5  THR THR A . n 
A 1 3  LEU 3  6  6  LEU LEU A . n 
A 1 4  CYS 4  7  7  CYS CYS A . n 
A 1 5  GLY 5  8  8  GLY GLY A . n 
A 1 6  SER 6  9  9  SER SER A . n 
A 1 7  CYS 7  10 10 CYS CYS A . n 
A 1 8  GLY 8  11 11 GLY GLY A . n 
A 1 9  GLY 9  12 12 GLY GLY A . n 
A 1 10 ASN 10 13 13 ASN ASN A . n 
A 1 11 TYR 11 14 14 TYR TYR A . n 
A 1 12 THR 12 15 15 THR THR A . n 
A 1 13 ASN 13 16 16 ASN ASN A . n 
A 1 14 ASP 14 17 17 ASP ASP A . n 
A 1 15 GLU 15 18 18 GLU GLU A . n 
A 1 16 PHE 16 19 19 PHE PHE A . n 
A 1 17 TRP 17 20 20 TRP TRP A . n 
A 1 18 ILE 18 21 21 ILE ILE A . n 
A 1 19 CYS 19 22 22 CYS CYS A . n 
A 1 20 CYS 20 23 23 CYS CYS A . n 
A 1 21 ASP 21 24 24 ASP ASP A . n 
A 1 22 VAL 22 25 25 VAL VAL A . n 
A 1 23 CYS 23 26 26 CYS CYS A . n 
A 1 24 GLU 24 27 27 GLU GLU A . n 
A 1 25 ARG 25 28 28 ARG ARG A . n 
A 1 26 TRP 26 29 29 TRP TRP A . n 
A 1 27 TYR 27 30 30 TYR TYR A . n 
A 1 28 HIS 28 31 31 HIS HIS A . n 
A 1 29 GLY 29 32 32 GLY GLY A . n 
A 1 30 LYS 30 33 33 LYS LYS A . n 
A 1 31 CYS 31 34 34 CYS CYS A . n 
A 1 32 VAL 32 35 35 VAL VAL A . n 
A 1 33 LYS 33 36 36 LYS LYS A . n 
A 1 34 ILE 34 37 37 ILE ILE A . n 
A 1 35 THR 35 38 38 THR THR A . n 
A 1 36 PRO 36 39 39 PRO PRO A . n 
A 1 37 ALA 37 40 40 ALA ALA A . n 
A 1 38 LYS 38 41 41 LYS LYS A . n 
A 1 39 ALA 39 42 42 ALA ALA A . n 
A 1 40 GLU 40 43 43 GLU GLU A . n 
A 1 41 SER 41 44 44 SER SER A . n 
A 1 42 ILE 42 45 45 ILE ILE A . n 
A 1 43 LYS 43 46 46 LYS LYS A . n 
A 1 44 GLN 44 47 47 GLN GLN A . n 
A 1 45 TYR 45 48 48 TYR TYR A . n 
A 1 46 LYS 46 49 49 LYS LYS A . n 
A 1 47 CYS 47 50 50 CYS CYS A . n 
A 1 48 PRO 48 51 51 PRO PRO A . n 
A 1 49 SER 49 52 52 SER SER A . n 
A 1 50 CYS 50 53 53 CYS CYS A . n 
A 1 51 CYS 51 54 54 CYS CYS A . n 
A 1 52 THR 52 55 55 THR THR A . n 
B 2 1  ALA 1  1  1  ALA ALA P . n 
B 2 2  ARG 2  2  2  ARG ARG P . n 
B 2 3  THR 3  3  3  THR THR P . n 
B 2 4  M3L 4  4  4  M3L M3L P . n 
B 2 5  GLN 5  5  5  GLN GLN P . n 
B 2 6  THR 6  6  6  THR THR P . n 
B 2 7  ALA 7  7  7  ALA ALA P . n 
# 
loop_
_pdbx_nonpoly_scheme.asym_id 
_pdbx_nonpoly_scheme.entity_id 
_pdbx_nonpoly_scheme.mon_id 
_pdbx_nonpoly_scheme.ndb_seq_num 
_pdbx_nonpoly_scheme.pdb_seq_num 
_pdbx_nonpoly_scheme.auth_seq_num 
_pdbx_nonpoly_scheme.pdb_mon_id 
_pdbx_nonpoly_scheme.auth_mon_id 
_pdbx_nonpoly_scheme.pdb_strand_id 
_pdbx_nonpoly_scheme.pdb_ins_code 
C 3 ZN  1  101 1  ZN  ZN  A . 
D 3 ZN  1  102 2  ZN  ZN  A . 
E 4 HOH 1  201 19 HOH HOH A . 
E 4 HOH 2  202 22 HOH HOH A . 
E 4 HOH 3  203 9  HOH HOH A . 
E 4 HOH 4  204 6  HOH HOH A . 
E 4 HOH 5  205 8  HOH HOH A . 
E 4 HOH 6  206 7  HOH HOH A . 
E 4 HOH 7  207 20 HOH HOH A . 
E 4 HOH 8  208 17 HOH HOH A . 
E 4 HOH 9  209 29 HOH HOH A . 
E 4 HOH 10 210 3  HOH HOH A . 
E 4 HOH 11 211 12 HOH HOH A . 
E 4 HOH 12 212 26 HOH HOH A . 
E 4 HOH 13 213 4  HOH HOH A . 
E 4 HOH 14 214 13 HOH HOH A . 
E 4 HOH 15 215 18 HOH HOH A . 
E 4 HOH 16 216 28 HOH HOH A . 
E 4 HOH 17 217 14 HOH HOH A . 
E 4 HOH 18 218 27 HOH HOH A . 
E 4 HOH 19 219 24 HOH HOH A . 
E 4 HOH 20 220 25 HOH HOH A . 
E 4 HOH 21 221 11 HOH HOH A . 
E 4 HOH 22 222 16 HOH HOH A . 
E 4 HOH 23 223 10 HOH HOH A . 
E 4 HOH 24 224 23 HOH HOH A . 
F 4 HOH 1  101 21 HOH HOH P . 
F 4 HOH 2  102 15 HOH HOH P . 
F 4 HOH 3  103 2  HOH HOH P . 
F 4 HOH 4  104 1  HOH HOH P . 
# 
_pdbx_struct_assembly.id                   1 
_pdbx_struct_assembly.details              author_and_software_defined_assembly 
_pdbx_struct_assembly.method_details       PISA 
_pdbx_struct_assembly.oligomeric_details   dimeric 
_pdbx_struct_assembly.oligomeric_count     2 
# 
_pdbx_struct_assembly_gen.assembly_id       1 
_pdbx_struct_assembly_gen.oper_expression   1 
_pdbx_struct_assembly_gen.asym_id_list      A,B,C,D,E,F 
# 
loop_
_pdbx_struct_assembly_prop.biol_id 
_pdbx_struct_assembly_prop.type 
_pdbx_struct_assembly_prop.value 
_pdbx_struct_assembly_prop.details 
1 'ABSA (A^2)' 1100 ? 
1 MORE         -15  ? 
1 'SSA (A^2)'  4030 ? 
# 
_pdbx_struct_oper_list.id                   1 
_pdbx_struct_oper_list.type                 'identity operation' 
_pdbx_struct_oper_list.name                 1_555 
_pdbx_struct_oper_list.symmetry_operation   x,y,z 
_pdbx_struct_oper_list.matrix[1][1]         1.0000000000 
_pdbx_struct_oper_list.matrix[1][2]         0.0000000000 
_pdbx_struct_oper_list.matrix[1][3]         0.0000000000 
_pdbx_struct_oper_list.vector[1]            0.0000000000 
_pdbx_struct_oper_list.matrix[2][1]         0.0000000000 
_pdbx_struct_oper_list.matrix[2][2]         1.0000000000 
_pdbx_struct_oper_list.matrix[2][3]         0.0000000000 
_pdbx_struct_oper_list.vector[2]            0.0000000000 
_pdbx_struct_oper_list.matrix[3][1]         0.0000000000 
_pdbx_struct_oper_list.matrix[3][2]         0.0000000000 
_pdbx_struct_oper_list.matrix[3][3]         1.0000000000 
_pdbx_struct_oper_list.vector[3]            0.0000000000 
# 
loop_
_pdbx_struct_conn_angle.id 
_pdbx_struct_conn_angle.ptnr1_label_atom_id 
_pdbx_struct_conn_angle.ptnr1_label_alt_id 
_pdbx_struct_conn_angle.ptnr1_label_asym_id 
_pdbx_struct_conn_angle.ptnr1_label_comp_id 
_pdbx_struct_conn_angle.ptnr1_label_seq_id 
_pdbx_struct_conn_angle.ptnr1_auth_atom_id 
_pdbx_struct_conn_angle.ptnr1_auth_asym_id 
_pdbx_struct_conn_angle.ptnr1_auth_comp_id 
_pdbx_struct_conn_angle.ptnr1_auth_seq_id 
_pdbx_struct_conn_angle.ptnr1_PDB_ins_code 
_pdbx_struct_conn_angle.ptnr1_symmetry 
_pdbx_struct_conn_angle.ptnr2_label_atom_id 
_pdbx_struct_conn_angle.ptnr2_label_alt_id 
_pdbx_struct_conn_angle.ptnr2_label_asym_id 
_pdbx_struct_conn_angle.ptnr2_label_comp_id 
_pdbx_struct_conn_angle.ptnr2_label_seq_id 
_pdbx_struct_conn_angle.ptnr2_auth_atom_id 
_pdbx_struct_conn_angle.ptnr2_auth_asym_id 
_pdbx_struct_conn_angle.ptnr2_auth_comp_id 
_pdbx_struct_conn_angle.ptnr2_auth_seq_id 
_pdbx_struct_conn_angle.ptnr2_PDB_ins_code 
_pdbx_struct_conn_angle.ptnr2_symmetry 
_pdbx_struct_conn_angle.ptnr3_label_atom_id 
_pdbx_struct_conn_angle.ptnr3_label_alt_id 
_pdbx_struct_conn_angle.ptnr3_label_asym_id 
_pdbx_struct_conn_angle.ptnr3_label_comp_id 
_pdbx_struct_conn_angle.ptnr3_label_seq_id 
_pdbx_struct_conn_angle.ptnr3_auth_atom_id 
_pdbx_struct_conn_angle.ptnr3_auth_asym_id 
_pdbx_struct_conn_angle.ptnr3_auth_comp_id 
_pdbx_struct_conn_angle.ptnr3_auth_seq_id 
_pdbx_struct_conn_angle.ptnr3_PDB_ins_code 
_pdbx_struct_conn_angle.ptnr3_symmetry 
_pdbx_struct_conn_angle.value 
_pdbx_struct_conn_angle.value_esd 
1  SG  ? A CYS 4  ? A CYS 7  ? 1_555 ZN ? C ZN . ? A ZN 101 ? 1_555 SG  ? A CYS 7  ? A CYS 10 ? 1_555 107.6 ? 
2  SG  ? A CYS 4  ? A CYS 7  ? 1_555 ZN ? C ZN . ? A ZN 101 ? 1_555 ND1 ? A HIS 28 ? A HIS 31 ? 1_555 107.0 ? 
3  SG  ? A CYS 7  ? A CYS 10 ? 1_555 ZN ? C ZN . ? A ZN 101 ? 1_555 ND1 ? A HIS 28 ? A HIS 31 ? 1_555 96.4  ? 
4  SG  ? A CYS 4  ? A CYS 7  ? 1_555 ZN ? C ZN . ? A ZN 101 ? 1_555 SG  ? A CYS 31 ? A CYS 34 ? 1_555 117.7 ? 
5  SG  ? A CYS 7  ? A CYS 10 ? 1_555 ZN ? C ZN . ? A ZN 101 ? 1_555 SG  ? A CYS 31 ? A CYS 34 ? 1_555 109.3 ? 
6  ND1 ? A HIS 28 ? A HIS 31 ? 1_555 ZN ? C ZN . ? A ZN 101 ? 1_555 SG  ? A CYS 31 ? A CYS 34 ? 1_555 116.5 ? 
7  SG  ? A CYS 20 ? A CYS 23 ? 1_555 ZN ? D ZN . ? A ZN 102 ? 1_555 SG  ? A CYS 23 ? A CYS 26 ? 1_555 109.2 ? 
8  SG  ? A CYS 20 ? A CYS 23 ? 1_555 ZN ? D ZN . ? A ZN 102 ? 1_555 SG  ? A CYS 47 ? A CYS 50 ? 1_555 110.4 ? 
9  SG  ? A CYS 23 ? A CYS 26 ? 1_555 ZN ? D ZN . ? A ZN 102 ? 1_555 SG  ? A CYS 47 ? A CYS 50 ? 1_555 111.1 ? 
10 SG  ? A CYS 20 ? A CYS 23 ? 1_555 ZN ? D ZN . ? A ZN 102 ? 1_555 SG  ? A CYS 50 ? A CYS 53 ? 1_555 106.8 ? 
11 SG  ? A CYS 23 ? A CYS 26 ? 1_555 ZN ? D ZN . ? A ZN 102 ? 1_555 SG  ? A CYS 50 ? A CYS 53 ? 1_555 109.1 ? 
12 SG  ? A CYS 47 ? A CYS 50 ? 1_555 ZN ? D ZN . ? A ZN 102 ? 1_555 SG  ? A CYS 50 ? A CYS 53 ? 1_555 110.2 ? 
# 
loop_
_pdbx_audit_revision_history.ordinal 
_pdbx_audit_revision_history.data_content_type 
_pdbx_audit_revision_history.major_revision 
_pdbx_audit_revision_history.minor_revision 
_pdbx_audit_revision_history.revision_date 
1 'Structure model' 1 0 2018-01-24 
2 'Structure model' 1 1 2019-12-25 
3 'Structure model' 1 2 2023-11-22 
# 
_pdbx_audit_revision_details.ordinal             1 
_pdbx_audit_revision_details.revision_ordinal    1 
_pdbx_audit_revision_details.data_content_type   'Structure model' 
_pdbx_audit_revision_details.provider            repository 
_pdbx_audit_revision_details.type                'Initial release' 
_pdbx_audit_revision_details.description         ? 
_pdbx_audit_revision_details.details             ? 
# 
loop_
_pdbx_audit_revision_group.ordinal 
_pdbx_audit_revision_group.revision_ordinal 
_pdbx_audit_revision_group.data_content_type 
_pdbx_audit_revision_group.group 
1 2 'Structure model' 'Database references'    
2 3 'Structure model' 'Data collection'        
3 3 'Structure model' 'Database references'    
4 3 'Structure model' 'Derived calculations'   
5 3 'Structure model' 'Refinement description' 
# 
loop_
_pdbx_audit_revision_category.ordinal 
_pdbx_audit_revision_category.revision_ordinal 
_pdbx_audit_revision_category.data_content_type 
_pdbx_audit_revision_category.category 
1 2 'Structure model' citation                      
2 2 'Structure model' citation_author               
3 3 'Structure model' chem_comp_atom                
4 3 'Structure model' chem_comp_bond                
5 3 'Structure model' database_2                    
6 3 'Structure model' pdbx_initial_refinement_model 
7 3 'Structure model' struct_conn                   
8 3 'Structure model' struct_conn_type              
# 
loop_
_pdbx_audit_revision_item.ordinal 
_pdbx_audit_revision_item.revision_ordinal 
_pdbx_audit_revision_item.data_content_type 
_pdbx_audit_revision_item.item 
1  2 'Structure model' '_citation.journal_volume'            
2  2 'Structure model' '_citation.page_first'                
3  2 'Structure model' '_citation.page_last'                 
4  2 'Structure model' '_citation.pdbx_database_id_PubMed'   
5  2 'Structure model' '_citation.title'                     
6  3 'Structure model' '_database_2.pdbx_DOI'                
7  3 'Structure model' '_database_2.pdbx_database_accession' 
8  3 'Structure model' '_struct_conn.conn_type_id'           
9  3 'Structure model' '_struct_conn.id'                     
10 3 'Structure model' '_struct_conn.pdbx_dist_value'        
11 3 'Structure model' '_struct_conn.pdbx_leaving_atom_flag' 
12 3 'Structure model' '_struct_conn.ptnr1_auth_asym_id'     
13 3 'Structure model' '_struct_conn.ptnr1_auth_comp_id'     
14 3 'Structure model' '_struct_conn.ptnr1_auth_seq_id'      
15 3 'Structure model' '_struct_conn.ptnr1_label_asym_id'    
16 3 'Structure model' '_struct_conn.ptnr1_label_atom_id'    
17 3 'Structure model' '_struct_conn.ptnr1_label_comp_id'    
18 3 'Structure model' '_struct_conn.ptnr1_label_seq_id'     
19 3 'Structure model' '_struct_conn.ptnr2_auth_asym_id'     
20 3 'Structure model' '_struct_conn.ptnr2_auth_comp_id'     
21 3 'Structure model' '_struct_conn.ptnr2_auth_seq_id'      
22 3 'Structure model' '_struct_conn.ptnr2_label_asym_id'    
23 3 'Structure model' '_struct_conn.ptnr2_label_atom_id'    
24 3 'Structure model' '_struct_conn.ptnr2_label_comp_id'    
25 3 'Structure model' '_struct_conn.ptnr2_label_seq_id'     
26 3 'Structure model' '_struct_conn_type.id'                
# 
loop_
_software.citation_id 
_software.classification 
_software.compiler_name 
_software.compiler_version 
_software.contact_author 
_software.contact_author_email 
_software.date 
_software.description 
_software.dependencies 
_software.hardware 
_software.language 
_software.location 
_software.mods 
_software.name 
_software.os 
_software.os_version 
_software.type 
_software.version 
_software.pdbx_ordinal 
? 'data scaling'    ? ? ? ? ? ? ? ? ? ? ? HKL-2000    ? ? ? .                         1 
? refinement        ? ? ? ? ? ? ? ? ? ? ? PHENIX      ? ? ? 'phenix.refine: 1.9_1692' 2 
? 'data extraction' ? ? ? ? ? ? ? ? ? ? ? PDB_EXTRACT ? ? ? 3.22                      3 
? 'data reduction'  ? ? ? ? ? ? ? ? ? ? ? HKL-2000    ? ? ? .                         4 
? phasing           ? ? ? ? ? ? ? ? ? ? ? PHASER      ? ? ? .                         5 
# 
_pdbx_validate_close_contact.id               1 
_pdbx_validate_close_contact.PDB_model_num    1 
_pdbx_validate_close_contact.auth_atom_id_1   NE2 
_pdbx_validate_close_contact.auth_asym_id_1   A 
_pdbx_validate_close_contact.auth_comp_id_1   GLN 
_pdbx_validate_close_contact.auth_seq_id_1    47 
_pdbx_validate_close_contact.PDB_ins_code_1   ? 
_pdbx_validate_close_contact.label_alt_id_1   ? 
_pdbx_validate_close_contact.auth_atom_id_2   O 
_pdbx_validate_close_contact.auth_asym_id_2   A 
_pdbx_validate_close_contact.auth_comp_id_2   HOH 
_pdbx_validate_close_contact.auth_seq_id_2    201 
_pdbx_validate_close_contact.PDB_ins_code_2   ? 
_pdbx_validate_close_contact.label_alt_id_2   ? 
_pdbx_validate_close_contact.dist             2.10 
# 
loop_
_pdbx_validate_torsion.id 
_pdbx_validate_torsion.PDB_model_num 
_pdbx_validate_torsion.auth_comp_id 
_pdbx_validate_torsion.auth_asym_id 
_pdbx_validate_torsion.auth_seq_id 
_pdbx_validate_torsion.PDB_ins_code 
_pdbx_validate_torsion.label_alt_id 
_pdbx_validate_torsion.phi 
_pdbx_validate_torsion.psi 
1 1 VAL A 25 ? ? -93.12 -61.68 
2 1 LYS A 46 ? ? -82.71 -84.28 
# 
loop_
_chem_comp_atom.comp_id 
_chem_comp_atom.atom_id 
_chem_comp_atom.type_symbol 
_chem_comp_atom.pdbx_aromatic_flag 
_chem_comp_atom.pdbx_stereo_config 
_chem_comp_atom.pdbx_ordinal 
ALA N    N  N N 1   
ALA CA   C  N S 2   
ALA C    C  N N 3   
ALA O    O  N N 4   
ALA CB   C  N N 5   
ALA OXT  O  N N 6   
ALA H    H  N N 7   
ALA H2   H  N N 8   
ALA HA   H  N N 9   
ALA HB1  H  N N 10  
ALA HB2  H  N N 11  
ALA HB3  H  N N 12  
ALA HXT  H  N N 13  
ARG N    N  N N 14  
ARG CA   C  N S 15  
ARG C    C  N N 16  
ARG O    O  N N 17  
ARG CB   C  N N 18  
ARG CG   C  N N 19  
ARG CD   C  N N 20  
ARG NE   N  N N 21  
ARG CZ   C  N N 22  
ARG NH1  N  N N 23  
ARG NH2  N  N N 24  
ARG OXT  O  N N 25  
ARG H    H  N N 26  
ARG H2   H  N N 27  
ARG HA   H  N N 28  
ARG HB2  H  N N 29  
ARG HB3  H  N N 30  
ARG HG2  H  N N 31  
ARG HG3  H  N N 32  
ARG HD2  H  N N 33  
ARG HD3  H  N N 34  
ARG HE   H  N N 35  
ARG HH11 H  N N 36  
ARG HH12 H  N N 37  
ARG HH21 H  N N 38  
ARG HH22 H  N N 39  
ARG HXT  H  N N 40  
ASN N    N  N N 41  
ASN CA   C  N S 42  
ASN C    C  N N 43  
ASN O    O  N N 44  
ASN CB   C  N N 45  
ASN CG   C  N N 46  
ASN OD1  O  N N 47  
ASN ND2  N  N N 48  
ASN OXT  O  N N 49  
ASN H    H  N N 50  
ASN H2   H  N N 51  
ASN HA   H  N N 52  
ASN HB2  H  N N 53  
ASN HB3  H  N N 54  
ASN HD21 H  N N 55  
ASN HD22 H  N N 56  
ASN HXT  H  N N 57  
ASP N    N  N N 58  
ASP CA   C  N S 59  
ASP C    C  N N 60  
ASP O    O  N N 61  
ASP CB   C  N N 62  
ASP CG   C  N N 63  
ASP OD1  O  N N 64  
ASP OD2  O  N N 65  
ASP OXT  O  N N 66  
ASP H    H  N N 67  
ASP H2   H  N N 68  
ASP HA   H  N N 69  
ASP HB2  H  N N 70  
ASP HB3  H  N N 71  
ASP HD2  H  N N 72  
ASP HXT  H  N N 73  
CYS N    N  N N 74  
CYS CA   C  N R 75  
CYS C    C  N N 76  
CYS O    O  N N 77  
CYS CB   C  N N 78  
CYS SG   S  N N 79  
CYS OXT  O  N N 80  
CYS H    H  N N 81  
CYS H2   H  N N 82  
CYS HA   H  N N 83  
CYS HB2  H  N N 84  
CYS HB3  H  N N 85  
CYS HG   H  N N 86  
CYS HXT  H  N N 87  
GLN N    N  N N 88  
GLN CA   C  N S 89  
GLN C    C  N N 90  
GLN O    O  N N 91  
GLN CB   C  N N 92  
GLN CG   C  N N 93  
GLN CD   C  N N 94  
GLN OE1  O  N N 95  
GLN NE2  N  N N 96  
GLN OXT  O  N N 97  
GLN H    H  N N 98  
GLN H2   H  N N 99  
GLN HA   H  N N 100 
GLN HB2  H  N N 101 
GLN HB3  H  N N 102 
GLN HG2  H  N N 103 
GLN HG3  H  N N 104 
GLN HE21 H  N N 105 
GLN HE22 H  N N 106 
GLN HXT  H  N N 107 
GLU N    N  N N 108 
GLU CA   C  N S 109 
GLU C    C  N N 110 
GLU O    O  N N 111 
GLU CB   C  N N 112 
GLU CG   C  N N 113 
GLU CD   C  N N 114 
GLU OE1  O  N N 115 
GLU OE2  O  N N 116 
GLU OXT  O  N N 117 
GLU H    H  N N 118 
GLU H2   H  N N 119 
GLU HA   H  N N 120 
GLU HB2  H  N N 121 
GLU HB3  H  N N 122 
GLU HG2  H  N N 123 
GLU HG3  H  N N 124 
GLU HE2  H  N N 125 
GLU HXT  H  N N 126 
GLY N    N  N N 127 
GLY CA   C  N N 128 
GLY C    C  N N 129 
GLY O    O  N N 130 
GLY OXT  O  N N 131 
GLY H    H  N N 132 
GLY H2   H  N N 133 
GLY HA2  H  N N 134 
GLY HA3  H  N N 135 
GLY HXT  H  N N 136 
HIS N    N  N N 137 
HIS CA   C  N S 138 
HIS C    C  N N 139 
HIS O    O  N N 140 
HIS CB   C  N N 141 
HIS CG   C  Y N 142 
HIS ND1  N  Y N 143 
HIS CD2  C  Y N 144 
HIS CE1  C  Y N 145 
HIS NE2  N  Y N 146 
HIS OXT  O  N N 147 
HIS H    H  N N 148 
HIS H2   H  N N 149 
HIS HA   H  N N 150 
HIS HB2  H  N N 151 
HIS HB3  H  N N 152 
HIS HD1  H  N N 153 
HIS HD2  H  N N 154 
HIS HE1  H  N N 155 
HIS HE2  H  N N 156 
HIS HXT  H  N N 157 
HOH O    O  N N 158 
HOH H1   H  N N 159 
HOH H2   H  N N 160 
ILE N    N  N N 161 
ILE CA   C  N S 162 
ILE C    C  N N 163 
ILE O    O  N N 164 
ILE CB   C  N S 165 
ILE CG1  C  N N 166 
ILE CG2  C  N N 167 
ILE CD1  C  N N 168 
ILE OXT  O  N N 169 
ILE H    H  N N 170 
ILE H2   H  N N 171 
ILE HA   H  N N 172 
ILE HB   H  N N 173 
ILE HG12 H  N N 174 
ILE HG13 H  N N 175 
ILE HG21 H  N N 176 
ILE HG22 H  N N 177 
ILE HG23 H  N N 178 
ILE HD11 H  N N 179 
ILE HD12 H  N N 180 
ILE HD13 H  N N 181 
ILE HXT  H  N N 182 
LEU N    N  N N 183 
LEU CA   C  N S 184 
LEU C    C  N N 185 
LEU O    O  N N 186 
LEU CB   C  N N 187 
LEU CG   C  N N 188 
LEU CD1  C  N N 189 
LEU CD2  C  N N 190 
LEU OXT  O  N N 191 
LEU H    H  N N 192 
LEU H2   H  N N 193 
LEU HA   H  N N 194 
LEU HB2  H  N N 195 
LEU HB3  H  N N 196 
LEU HG   H  N N 197 
LEU HD11 H  N N 198 
LEU HD12 H  N N 199 
LEU HD13 H  N N 200 
LEU HD21 H  N N 201 
LEU HD22 H  N N 202 
LEU HD23 H  N N 203 
LEU HXT  H  N N 204 
LYS N    N  N N 205 
LYS CA   C  N S 206 
LYS C    C  N N 207 
LYS O    O  N N 208 
LYS CB   C  N N 209 
LYS CG   C  N N 210 
LYS CD   C  N N 211 
LYS CE   C  N N 212 
LYS NZ   N  N N 213 
LYS OXT  O  N N 214 
LYS H    H  N N 215 
LYS H2   H  N N 216 
LYS HA   H  N N 217 
LYS HB2  H  N N 218 
LYS HB3  H  N N 219 
LYS HG2  H  N N 220 
LYS HG3  H  N N 221 
LYS HD2  H  N N 222 
LYS HD3  H  N N 223 
LYS HE2  H  N N 224 
LYS HE3  H  N N 225 
LYS HZ1  H  N N 226 
LYS HZ2  H  N N 227 
LYS HZ3  H  N N 228 
LYS HXT  H  N N 229 
M3L N    N  N N 230 
M3L CA   C  N S 231 
M3L CB   C  N N 232 
M3L CG   C  N N 233 
M3L CD   C  N N 234 
M3L CE   C  N N 235 
M3L NZ   N  N N 236 
M3L C    C  N N 237 
M3L O    O  N N 238 
M3L OXT  O  N N 239 
M3L CM1  C  N N 240 
M3L CM2  C  N N 241 
M3L CM3  C  N N 242 
M3L H    H  N N 243 
M3L H2   H  N N 244 
M3L HA   H  N N 245 
M3L HB2  H  N N 246 
M3L HB3  H  N N 247 
M3L HG2  H  N N 248 
M3L HG3  H  N N 249 
M3L HD2  H  N N 250 
M3L HD3  H  N N 251 
M3L HE2  H  N N 252 
M3L HE3  H  N N 253 
M3L HXT  H  N N 254 
M3L HM11 H  N N 255 
M3L HM12 H  N N 256 
M3L HM13 H  N N 257 
M3L HM21 H  N N 258 
M3L HM22 H  N N 259 
M3L HM23 H  N N 260 
M3L HM31 H  N N 261 
M3L HM32 H  N N 262 
M3L HM33 H  N N 263 
PHE N    N  N N 264 
PHE CA   C  N S 265 
PHE C    C  N N 266 
PHE O    O  N N 267 
PHE CB   C  N N 268 
PHE CG   C  Y N 269 
PHE CD1  C  Y N 270 
PHE CD2  C  Y N 271 
PHE CE1  C  Y N 272 
PHE CE2  C  Y N 273 
PHE CZ   C  Y N 274 
PHE OXT  O  N N 275 
PHE H    H  N N 276 
PHE H2   H  N N 277 
PHE HA   H  N N 278 
PHE HB2  H  N N 279 
PHE HB3  H  N N 280 
PHE HD1  H  N N 281 
PHE HD2  H  N N 282 
PHE HE1  H  N N 283 
PHE HE2  H  N N 284 
PHE HZ   H  N N 285 
PHE HXT  H  N N 286 
PRO N    N  N N 287 
PRO CA   C  N S 288 
PRO C    C  N N 289 
PRO O    O  N N 290 
PRO CB   C  N N 291 
PRO CG   C  N N 292 
PRO CD   C  N N 293 
PRO OXT  O  N N 294 
PRO H    H  N N 295 
PRO HA   H  N N 296 
PRO HB2  H  N N 297 
PRO HB3  H  N N 298 
PRO HG2  H  N N 299 
PRO HG3  H  N N 300 
PRO HD2  H  N N 301 
PRO HD3  H  N N 302 
PRO HXT  H  N N 303 
SER N    N  N N 304 
SER CA   C  N S 305 
SER C    C  N N 306 
SER O    O  N N 307 
SER CB   C  N N 308 
SER OG   O  N N 309 
SER OXT  O  N N 310 
SER H    H  N N 311 
SER H2   H  N N 312 
SER HA   H  N N 313 
SER HB2  H  N N 314 
SER HB3  H  N N 315 
SER HG   H  N N 316 
SER HXT  H  N N 317 
THR N    N  N N 318 
THR CA   C  N S 319 
THR C    C  N N 320 
THR O    O  N N 321 
THR CB   C  N R 322 
THR OG1  O  N N 323 
THR CG2  C  N N 324 
THR OXT  O  N N 325 
THR H    H  N N 326 
THR H2   H  N N 327 
THR HA   H  N N 328 
THR HB   H  N N 329 
THR HG1  H  N N 330 
THR HG21 H  N N 331 
THR HG22 H  N N 332 
THR HG23 H  N N 333 
THR HXT  H  N N 334 
TRP N    N  N N 335 
TRP CA   C  N S 336 
TRP C    C  N N 337 
TRP O    O  N N 338 
TRP CB   C  N N 339 
TRP CG   C  Y N 340 
TRP CD1  C  Y N 341 
TRP CD2  C  Y N 342 
TRP NE1  N  Y N 343 
TRP CE2  C  Y N 344 
TRP CE3  C  Y N 345 
TRP CZ2  C  Y N 346 
TRP CZ3  C  Y N 347 
TRP CH2  C  Y N 348 
TRP OXT  O  N N 349 
TRP H    H  N N 350 
TRP H2   H  N N 351 
TRP HA   H  N N 352 
TRP HB2  H  N N 353 
TRP HB3  H  N N 354 
TRP HD1  H  N N 355 
TRP HE1  H  N N 356 
TRP HE3  H  N N 357 
TRP HZ2  H  N N 358 
TRP HZ3  H  N N 359 
TRP HH2  H  N N 360 
TRP HXT  H  N N 361 
TYR N    N  N N 362 
TYR CA   C  N S 363 
TYR C    C  N N 364 
TYR O    O  N N 365 
TYR CB   C  N N 366 
TYR CG   C  Y N 367 
TYR CD1  C  Y N 368 
TYR CD2  C  Y N 369 
TYR CE1  C  Y N 370 
TYR CE2  C  Y N 371 
TYR CZ   C  Y N 372 
TYR OH   O  N N 373 
TYR OXT  O  N N 374 
TYR H    H  N N 375 
TYR H2   H  N N 376 
TYR HA   H  N N 377 
TYR HB2  H  N N 378 
TYR HB3  H  N N 379 
TYR HD1  H  N N 380 
TYR HD2  H  N N 381 
TYR HE1  H  N N 382 
TYR HE2  H  N N 383 
TYR HH   H  N N 384 
TYR HXT  H  N N 385 
VAL N    N  N N 386 
VAL CA   C  N S 387 
VAL C    C  N N 388 
VAL O    O  N N 389 
VAL CB   C  N N 390 
VAL CG1  C  N N 391 
VAL CG2  C  N N 392 
VAL OXT  O  N N 393 
VAL H    H  N N 394 
VAL H2   H  N N 395 
VAL HA   H  N N 396 
VAL HB   H  N N 397 
VAL HG11 H  N N 398 
VAL HG12 H  N N 399 
VAL HG13 H  N N 400 
VAL HG21 H  N N 401 
VAL HG22 H  N N 402 
VAL HG23 H  N N 403 
VAL HXT  H  N N 404 
ZN  ZN   ZN N N 405 
# 
loop_
_chem_comp_bond.comp_id 
_chem_comp_bond.atom_id_1 
_chem_comp_bond.atom_id_2 
_chem_comp_bond.value_order 
_chem_comp_bond.pdbx_aromatic_flag 
_chem_comp_bond.pdbx_stereo_config 
_chem_comp_bond.pdbx_ordinal 
ALA N   CA   sing N N 1   
ALA N   H    sing N N 2   
ALA N   H2   sing N N 3   
ALA CA  C    sing N N 4   
ALA CA  CB   sing N N 5   
ALA CA  HA   sing N N 6   
ALA C   O    doub N N 7   
ALA C   OXT  sing N N 8   
ALA CB  HB1  sing N N 9   
ALA CB  HB2  sing N N 10  
ALA CB  HB3  sing N N 11  
ALA OXT HXT  sing N N 12  
ARG N   CA   sing N N 13  
ARG N   H    sing N N 14  
ARG N   H2   sing N N 15  
ARG CA  C    sing N N 16  
ARG CA  CB   sing N N 17  
ARG CA  HA   sing N N 18  
ARG C   O    doub N N 19  
ARG C   OXT  sing N N 20  
ARG CB  CG   sing N N 21  
ARG CB  HB2  sing N N 22  
ARG CB  HB3  sing N N 23  
ARG CG  CD   sing N N 24  
ARG CG  HG2  sing N N 25  
ARG CG  HG3  sing N N 26  
ARG CD  NE   sing N N 27  
ARG CD  HD2  sing N N 28  
ARG CD  HD3  sing N N 29  
ARG NE  CZ   sing N N 30  
ARG NE  HE   sing N N 31  
ARG CZ  NH1  sing N N 32  
ARG CZ  NH2  doub N N 33  
ARG NH1 HH11 sing N N 34  
ARG NH1 HH12 sing N N 35  
ARG NH2 HH21 sing N N 36  
ARG NH2 HH22 sing N N 37  
ARG OXT HXT  sing N N 38  
ASN N   CA   sing N N 39  
ASN N   H    sing N N 40  
ASN N   H2   sing N N 41  
ASN CA  C    sing N N 42  
ASN CA  CB   sing N N 43  
ASN CA  HA   sing N N 44  
ASN C   O    doub N N 45  
ASN C   OXT  sing N N 46  
ASN CB  CG   sing N N 47  
ASN CB  HB2  sing N N 48  
ASN CB  HB3  sing N N 49  
ASN CG  OD1  doub N N 50  
ASN CG  ND2  sing N N 51  
ASN ND2 HD21 sing N N 52  
ASN ND2 HD22 sing N N 53  
ASN OXT HXT  sing N N 54  
ASP N   CA   sing N N 55  
ASP N   H    sing N N 56  
ASP N   H2   sing N N 57  
ASP CA  C    sing N N 58  
ASP CA  CB   sing N N 59  
ASP CA  HA   sing N N 60  
ASP C   O    doub N N 61  
ASP C   OXT  sing N N 62  
ASP CB  CG   sing N N 63  
ASP CB  HB2  sing N N 64  
ASP CB  HB3  sing N N 65  
ASP CG  OD1  doub N N 66  
ASP CG  OD2  sing N N 67  
ASP OD2 HD2  sing N N 68  
ASP OXT HXT  sing N N 69  
CYS N   CA   sing N N 70  
CYS N   H    sing N N 71  
CYS N   H2   sing N N 72  
CYS CA  C    sing N N 73  
CYS CA  CB   sing N N 74  
CYS CA  HA   sing N N 75  
CYS C   O    doub N N 76  
CYS C   OXT  sing N N 77  
CYS CB  SG   sing N N 78  
CYS CB  HB2  sing N N 79  
CYS CB  HB3  sing N N 80  
CYS SG  HG   sing N N 81  
CYS OXT HXT  sing N N 82  
GLN N   CA   sing N N 83  
GLN N   H    sing N N 84  
GLN N   H2   sing N N 85  
GLN CA  C    sing N N 86  
GLN CA  CB   sing N N 87  
GLN CA  HA   sing N N 88  
GLN C   O    doub N N 89  
GLN C   OXT  sing N N 90  
GLN CB  CG   sing N N 91  
GLN CB  HB2  sing N N 92  
GLN CB  HB3  sing N N 93  
GLN CG  CD   sing N N 94  
GLN CG  HG2  sing N N 95  
GLN CG  HG3  sing N N 96  
GLN CD  OE1  doub N N 97  
GLN CD  NE2  sing N N 98  
GLN NE2 HE21 sing N N 99  
GLN NE2 HE22 sing N N 100 
GLN OXT HXT  sing N N 101 
GLU N   CA   sing N N 102 
GLU N   H    sing N N 103 
GLU N   H2   sing N N 104 
GLU CA  C    sing N N 105 
GLU CA  CB   sing N N 106 
GLU CA  HA   sing N N 107 
GLU C   O    doub N N 108 
GLU C   OXT  sing N N 109 
GLU CB  CG   sing N N 110 
GLU CB  HB2  sing N N 111 
GLU CB  HB3  sing N N 112 
GLU CG  CD   sing N N 113 
GLU CG  HG2  sing N N 114 
GLU CG  HG3  sing N N 115 
GLU CD  OE1  doub N N 116 
GLU CD  OE2  sing N N 117 
GLU OE2 HE2  sing N N 118 
GLU OXT HXT  sing N N 119 
GLY N   CA   sing N N 120 
GLY N   H    sing N N 121 
GLY N   H2   sing N N 122 
GLY CA  C    sing N N 123 
GLY CA  HA2  sing N N 124 
GLY CA  HA3  sing N N 125 
GLY C   O    doub N N 126 
GLY C   OXT  sing N N 127 
GLY OXT HXT  sing N N 128 
HIS N   CA   sing N N 129 
HIS N   H    sing N N 130 
HIS N   H2   sing N N 131 
HIS CA  C    sing N N 132 
HIS CA  CB   sing N N 133 
HIS CA  HA   sing N N 134 
HIS C   O    doub N N 135 
HIS C   OXT  sing N N 136 
HIS CB  CG   sing N N 137 
HIS CB  HB2  sing N N 138 
HIS CB  HB3  sing N N 139 
HIS CG  ND1  sing Y N 140 
HIS CG  CD2  doub Y N 141 
HIS ND1 CE1  doub Y N 142 
HIS ND1 HD1  sing N N 143 
HIS CD2 NE2  sing Y N 144 
HIS CD2 HD2  sing N N 145 
HIS CE1 NE2  sing Y N 146 
HIS CE1 HE1  sing N N 147 
HIS NE2 HE2  sing N N 148 
HIS OXT HXT  sing N N 149 
HOH O   H1   sing N N 150 
HOH O   H2   sing N N 151 
ILE N   CA   sing N N 152 
ILE N   H    sing N N 153 
ILE N   H2   sing N N 154 
ILE CA  C    sing N N 155 
ILE CA  CB   sing N N 156 
ILE CA  HA   sing N N 157 
ILE C   O    doub N N 158 
ILE C   OXT  sing N N 159 
ILE CB  CG1  sing N N 160 
ILE CB  CG2  sing N N 161 
ILE CB  HB   sing N N 162 
ILE CG1 CD1  sing N N 163 
ILE CG1 HG12 sing N N 164 
ILE CG1 HG13 sing N N 165 
ILE CG2 HG21 sing N N 166 
ILE CG2 HG22 sing N N 167 
ILE CG2 HG23 sing N N 168 
ILE CD1 HD11 sing N N 169 
ILE CD1 HD12 sing N N 170 
ILE CD1 HD13 sing N N 171 
ILE OXT HXT  sing N N 172 
LEU N   CA   sing N N 173 
LEU N   H    sing N N 174 
LEU N   H2   sing N N 175 
LEU CA  C    sing N N 176 
LEU CA  CB   sing N N 177 
LEU CA  HA   sing N N 178 
LEU C   O    doub N N 179 
LEU C   OXT  sing N N 180 
LEU CB  CG   sing N N 181 
LEU CB  HB2  sing N N 182 
LEU CB  HB3  sing N N 183 
LEU CG  CD1  sing N N 184 
LEU CG  CD2  sing N N 185 
LEU CG  HG   sing N N 186 
LEU CD1 HD11 sing N N 187 
LEU CD1 HD12 sing N N 188 
LEU CD1 HD13 sing N N 189 
LEU CD2 HD21 sing N N 190 
LEU CD2 HD22 sing N N 191 
LEU CD2 HD23 sing N N 192 
LEU OXT HXT  sing N N 193 
LYS N   CA   sing N N 194 
LYS N   H    sing N N 195 
LYS N   H2   sing N N 196 
LYS CA  C    sing N N 197 
LYS CA  CB   sing N N 198 
LYS CA  HA   sing N N 199 
LYS C   O    doub N N 200 
LYS C   OXT  sing N N 201 
LYS CB  CG   sing N N 202 
LYS CB  HB2  sing N N 203 
LYS CB  HB3  sing N N 204 
LYS CG  CD   sing N N 205 
LYS CG  HG2  sing N N 206 
LYS CG  HG3  sing N N 207 
LYS CD  CE   sing N N 208 
LYS CD  HD2  sing N N 209 
LYS CD  HD3  sing N N 210 
LYS CE  NZ   sing N N 211 
LYS CE  HE2  sing N N 212 
LYS CE  HE3  sing N N 213 
LYS NZ  HZ1  sing N N 214 
LYS NZ  HZ2  sing N N 215 
LYS NZ  HZ3  sing N N 216 
LYS OXT HXT  sing N N 217 
M3L N   CA   sing N N 218 
M3L N   H    sing N N 219 
M3L N   H2   sing N N 220 
M3L CA  CB   sing N N 221 
M3L CA  C    sing N N 222 
M3L CA  HA   sing N N 223 
M3L CB  CG   sing N N 224 
M3L CB  HB2  sing N N 225 
M3L CB  HB3  sing N N 226 
M3L CG  CD   sing N N 227 
M3L CG  HG2  sing N N 228 
M3L CG  HG3  sing N N 229 
M3L CD  CE   sing N N 230 
M3L CD  HD2  sing N N 231 
M3L CD  HD3  sing N N 232 
M3L CE  NZ   sing N N 233 
M3L CE  HE2  sing N N 234 
M3L CE  HE3  sing N N 235 
M3L NZ  CM1  sing N N 236 
M3L NZ  CM2  sing N N 237 
M3L NZ  CM3  sing N N 238 
M3L C   O    doub N N 239 
M3L C   OXT  sing N N 240 
M3L OXT HXT  sing N N 241 
M3L CM1 HM11 sing N N 242 
M3L CM1 HM12 sing N N 243 
M3L CM1 HM13 sing N N 244 
M3L CM2 HM21 sing N N 245 
M3L CM2 HM22 sing N N 246 
M3L CM2 HM23 sing N N 247 
M3L CM3 HM31 sing N N 248 
M3L CM3 HM32 sing N N 249 
M3L CM3 HM33 sing N N 250 
PHE N   CA   sing N N 251 
PHE N   H    sing N N 252 
PHE N   H2   sing N N 253 
PHE CA  C    sing N N 254 
PHE CA  CB   sing N N 255 
PHE CA  HA   sing N N 256 
PHE C   O    doub N N 257 
PHE C   OXT  sing N N 258 
PHE CB  CG   sing N N 259 
PHE CB  HB2  sing N N 260 
PHE CB  HB3  sing N N 261 
PHE CG  CD1  doub Y N 262 
PHE CG  CD2  sing Y N 263 
PHE CD1 CE1  sing Y N 264 
PHE CD1 HD1  sing N N 265 
PHE CD2 CE2  doub Y N 266 
PHE CD2 HD2  sing N N 267 
PHE CE1 CZ   doub Y N 268 
PHE CE1 HE1  sing N N 269 
PHE CE2 CZ   sing Y N 270 
PHE CE2 HE2  sing N N 271 
PHE CZ  HZ   sing N N 272 
PHE OXT HXT  sing N N 273 
PRO N   CA   sing N N 274 
PRO N   CD   sing N N 275 
PRO N   H    sing N N 276 
PRO CA  C    sing N N 277 
PRO CA  CB   sing N N 278 
PRO CA  HA   sing N N 279 
PRO C   O    doub N N 280 
PRO C   OXT  sing N N 281 
PRO CB  CG   sing N N 282 
PRO CB  HB2  sing N N 283 
PRO CB  HB3  sing N N 284 
PRO CG  CD   sing N N 285 
PRO CG  HG2  sing N N 286 
PRO CG  HG3  sing N N 287 
PRO CD  HD2  sing N N 288 
PRO CD  HD3  sing N N 289 
PRO OXT HXT  sing N N 290 
SER N   CA   sing N N 291 
SER N   H    sing N N 292 
SER N   H2   sing N N 293 
SER CA  C    sing N N 294 
SER CA  CB   sing N N 295 
SER CA  HA   sing N N 296 
SER C   O    doub N N 297 
SER C   OXT  sing N N 298 
SER CB  OG   sing N N 299 
SER CB  HB2  sing N N 300 
SER CB  HB3  sing N N 301 
SER OG  HG   sing N N 302 
SER OXT HXT  sing N N 303 
THR N   CA   sing N N 304 
THR N   H    sing N N 305 
THR N   H2   sing N N 306 
THR CA  C    sing N N 307 
THR CA  CB   sing N N 308 
THR CA  HA   sing N N 309 
THR C   O    doub N N 310 
THR C   OXT  sing N N 311 
THR CB  OG1  sing N N 312 
THR CB  CG2  sing N N 313 
THR CB  HB   sing N N 314 
THR OG1 HG1  sing N N 315 
THR CG2 HG21 sing N N 316 
THR CG2 HG22 sing N N 317 
THR CG2 HG23 sing N N 318 
THR OXT HXT  sing N N 319 
TRP N   CA   sing N N 320 
TRP N   H    sing N N 321 
TRP N   H2   sing N N 322 
TRP CA  C    sing N N 323 
TRP CA  CB   sing N N 324 
TRP CA  HA   sing N N 325 
TRP C   O    doub N N 326 
TRP C   OXT  sing N N 327 
TRP CB  CG   sing N N 328 
TRP CB  HB2  sing N N 329 
TRP CB  HB3  sing N N 330 
TRP CG  CD1  doub Y N 331 
TRP CG  CD2  sing Y N 332 
TRP CD1 NE1  sing Y N 333 
TRP CD1 HD1  sing N N 334 
TRP CD2 CE2  doub Y N 335 
TRP CD2 CE3  sing Y N 336 
TRP NE1 CE2  sing Y N 337 
TRP NE1 HE1  sing N N 338 
TRP CE2 CZ2  sing Y N 339 
TRP CE3 CZ3  doub Y N 340 
TRP CE3 HE3  sing N N 341 
TRP CZ2 CH2  doub Y N 342 
TRP CZ2 HZ2  sing N N 343 
TRP CZ3 CH2  sing Y N 344 
TRP CZ3 HZ3  sing N N 345 
TRP CH2 HH2  sing N N 346 
TRP OXT HXT  sing N N 347 
TYR N   CA   sing N N 348 
TYR N   H    sing N N 349 
TYR N   H2   sing N N 350 
TYR CA  C    sing N N 351 
TYR CA  CB   sing N N 352 
TYR CA  HA   sing N N 353 
TYR C   O    doub N N 354 
TYR C   OXT  sing N N 355 
TYR CB  CG   sing N N 356 
TYR CB  HB2  sing N N 357 
TYR CB  HB3  sing N N 358 
TYR CG  CD1  doub Y N 359 
TYR CG  CD2  sing Y N 360 
TYR CD1 CE1  sing Y N 361 
TYR CD1 HD1  sing N N 362 
TYR CD2 CE2  doub Y N 363 
TYR CD2 HD2  sing N N 364 
TYR CE1 CZ   doub Y N 365 
TYR CE1 HE1  sing N N 366 
TYR CE2 CZ   sing Y N 367 
TYR CE2 HE2  sing N N 368 
TYR CZ  OH   sing N N 369 
TYR OH  HH   sing N N 370 
TYR OXT HXT  sing N N 371 
VAL N   CA   sing N N 372 
VAL N   H    sing N N 373 
VAL N   H2   sing N N 374 
VAL CA  C    sing N N 375 
VAL CA  CB   sing N N 376 
VAL CA  HA   sing N N 377 
VAL C   O    doub N N 378 
VAL C   OXT  sing N N 379 
VAL CB  CG1  sing N N 380 
VAL CB  CG2  sing N N 381 
VAL CB  HB   sing N N 382 
VAL CG1 HG11 sing N N 383 
VAL CG1 HG12 sing N N 384 
VAL CG1 HG13 sing N N 385 
VAL CG2 HG21 sing N N 386 
VAL CG2 HG22 sing N N 387 
VAL CG2 HG23 sing N N 388 
VAL OXT HXT  sing N N 389 
# 
_pdbx_entity_instance_feature.ordinal        1 
_pdbx_entity_instance_feature.comp_id        M3L 
_pdbx_entity_instance_feature.asym_id        ? 
_pdbx_entity_instance_feature.seq_num        ? 
_pdbx_entity_instance_feature.auth_comp_id   M3L 
_pdbx_entity_instance_feature.auth_asym_id   ? 
_pdbx_entity_instance_feature.auth_seq_num   ? 
_pdbx_entity_instance_feature.feature_type   'SUBJECT OF INVESTIGATION' 
_pdbx_entity_instance_feature.details        ? 
# 
loop_
_pdbx_entity_nonpoly.entity_id 
_pdbx_entity_nonpoly.name 
_pdbx_entity_nonpoly.comp_id 
3 'ZINC ION' ZN  
4 water      HOH 
# 
_pdbx_initial_refinement_model.id               1 
_pdbx_initial_refinement_model.entity_id_list   ? 
_pdbx_initial_refinement_model.type             'experimental model' 
_pdbx_initial_refinement_model.source_name      PDB 
_pdbx_initial_refinement_model.accession_code   2FSA 
_pdbx_initial_refinement_model.details          ? 
# 
_pdbx_struct_assembly_auth_evidence.id                     1 
_pdbx_struct_assembly_auth_evidence.assembly_id            1 
_pdbx_struct_assembly_auth_evidence.experimental_support   'gel filtration' 
_pdbx_struct_assembly_auth_evidence.details                ? 
# 
